data_5DSZ
#
_entry.id   5DSZ
#
_cell.length_a   95.430
_cell.length_b   95.430
_cell.length_c   164.600
_cell.angle_alpha   90.00
_cell.angle_beta   90.00
_cell.angle_gamma   120.00
#
_symmetry.space_group_name_H-M   'P 31'
#
loop_
_entity.id
_entity.type
_entity.pdbx_description
1 polymer 'Translation initiation factor 2 subunit gamma'
2 water water
#
_entity_poly.entity_id   1
_entity_poly.type   'polypeptide(L)'
_entity_poly.pdbx_seq_one_letter_code
;MAWPKVQPEVNIGVVGHVDHGKTTLVQAITGIWTSKHSEELKRGMTIKLGYAETNIGVCESCKKPEAYVTEPSCKSCGSD
DEPKFLRRISFIDAPGHEVLMATMLSGAALMDGAILVVAANEPFPQPQTREHFVALGIIGVKNLIIVQNKVDVVSKEEAL
SQYRQIKQFTKGTWAENVPIIPVSALHKINIDSLIEGIEEYIKTPYRDLSQKPVMLVIRSFDVNKPGTQFNELKGGVIGG
SIIQGLFKVDQEIKVLPGLRVEKQGKVSYEPIFTKISSIRFGDEEFKEAKPGGLVAIGTYLDPSLTKADNLLGSIITLAD
AEVPVLWNIRIKYNLLERVVGAKEMLKVDPIRAKETLMLSVGSSTTLGIVTSVKKDEIEVELRRPVAVWSNNIRTVISRQ
IAGRWRMIGWGLVEI
;
_entity_poly.pdbx_strand_id   A,B
#
# COMPACT_ATOMS: atom_id res chain seq x y z
N ALA A 2 -36.13 -20.57 25.09
CA ALA A 2 -35.09 -19.58 24.82
C ALA A 2 -35.10 -19.10 23.36
N TRP A 3 -34.47 -17.94 23.08
CA TRP A 3 -34.26 -17.49 21.69
C TRP A 3 -32.98 -18.09 21.10
N PRO A 4 -33.01 -18.46 19.80
CA PRO A 4 -31.84 -19.05 19.10
C PRO A 4 -30.73 -18.02 18.74
N LYS A 5 -29.49 -18.49 18.61
CA LYS A 5 -28.37 -17.67 18.17
C LYS A 5 -28.18 -17.91 16.68
N VAL A 6 -28.62 -16.94 15.90
CA VAL A 6 -28.55 -17.15 14.49
C VAL A 6 -27.83 -15.98 13.88
N GLN A 7 -27.44 -16.16 12.63
CA GLN A 7 -26.85 -15.09 11.88
C GLN A 7 -27.95 -14.15 11.44
N PRO A 8 -27.60 -12.91 11.14
CA PRO A 8 -28.65 -12.05 10.57
C PRO A 8 -29.11 -12.62 9.28
N GLU A 9 -30.37 -12.39 8.96
CA GLU A 9 -30.88 -12.96 7.76
C GLU A 9 -31.22 -11.90 6.74
N VAL A 10 -30.97 -10.65 7.11
CA VAL A 10 -31.30 -9.54 6.23
C VAL A 10 -30.47 -8.30 6.53
N ASN A 11 -30.09 -7.53 5.53
CA ASN A 11 -29.33 -6.31 5.79
C ASN A 11 -30.19 -5.14 5.44
N ILE A 12 -30.29 -4.19 6.34
CA ILE A 12 -31.12 -3.06 6.05
C ILE A 12 -30.29 -1.83 6.14
N GLY A 13 -30.14 -1.20 5.00
CA GLY A 13 -29.45 0.05 4.91
C GLY A 13 -30.28 1.12 5.50
N VAL A 14 -29.60 1.98 6.22
CA VAL A 14 -30.19 3.17 6.74
C VAL A 14 -29.49 4.42 6.22
N VAL A 15 -30.16 5.26 5.43
CA VAL A 15 -29.44 6.41 4.84
C VAL A 15 -30.21 7.64 5.27
N GLY A 16 -29.50 8.65 5.78
CA GLY A 16 -30.18 9.87 6.16
C GLY A 16 -29.48 11.20 6.00
N HIS A 17 -30.30 12.25 5.90
CA HIS A 17 -29.83 13.63 5.90
C HIS A 17 -29.18 13.83 7.29
N VAL A 18 -30.03 13.89 8.33
CA VAL A 18 -29.58 14.13 9.70
C VAL A 18 -28.55 13.08 10.09
N ASP A 19 -27.46 13.56 10.66
CA ASP A 19 -26.28 12.73 10.79
C ASP A 19 -26.25 12.19 12.23
N HIS A 20 -26.77 12.94 13.21
CA HIS A 20 -27.08 12.27 14.46
C HIS A 20 -28.50 11.78 14.41
N GLY A 21 -28.74 11.00 13.36
CA GLY A 21 -30.05 10.51 13.02
C GLY A 21 -29.92 9.02 12.88
N LYS A 22 -29.17 8.63 11.86
CA LYS A 22 -29.11 7.25 11.43
C LYS A 22 -28.54 6.34 12.51
N THR A 23 -27.49 6.83 13.14
CA THR A 23 -26.77 6.10 14.18
C THR A 23 -27.60 5.93 15.43
N THR A 24 -28.25 7.02 15.81
CA THR A 24 -29.18 7.04 16.93
C THR A 24 -30.39 6.17 16.64
N LEU A 25 -30.73 6.07 15.35
CA LEU A 25 -31.82 5.23 14.91
C LEU A 25 -31.51 3.78 15.16
N VAL A 26 -30.37 3.36 14.64
CA VAL A 26 -29.92 2.01 14.83
C VAL A 26 -29.85 1.68 16.30
N GLN A 27 -29.39 2.65 17.07
CA GLN A 27 -29.28 2.52 18.51
C GLN A 27 -30.65 2.39 19.17
N ALA A 28 -31.62 3.06 18.57
CA ALA A 28 -32.95 3.05 19.12
C ALA A 28 -33.54 1.68 18.92
N ILE A 29 -33.12 1.02 17.85
CA ILE A 29 -33.51 -0.36 17.62
C ILE A 29 -32.73 -1.35 18.45
N THR A 30 -31.42 -1.19 18.57
CA THR A 30 -30.64 -2.25 19.14
C THR A 30 -30.41 -1.98 20.63
N GLY A 31 -30.51 -0.71 21.03
CA GLY A 31 -30.21 -0.32 22.40
C GLY A 31 -28.80 -0.05 22.83
N ILE A 32 -27.85 -0.24 21.92
CA ILE A 32 -26.45 -0.10 22.27
C ILE A 32 -25.72 0.92 21.37
N TRP A 33 -24.81 1.70 21.98
CA TRP A 33 -23.99 2.71 21.30
C TRP A 33 -23.01 2.11 20.27
N THR A 34 -23.22 2.41 18.98
CA THR A 34 -22.37 1.87 17.91
C THR A 34 -21.56 2.93 17.14
N SER A 35 -20.70 3.67 17.84
CA SER A 35 -19.79 4.66 17.24
C SER A 35 -18.33 4.27 17.46
N LYS A 36 -17.96 4.14 18.74
CA LYS A 36 -16.64 3.71 19.13
C LYS A 36 -16.73 2.44 19.97
N HIS A 37 -17.09 1.34 19.30
CA HIS A 37 -17.14 0.00 19.88
C HIS A 37 -15.80 -0.32 20.53
N SER A 38 -15.76 -0.31 21.86
CA SER A 38 -14.51 -0.51 22.59
C SER A 38 -14.06 -1.97 22.56
N GLU A 39 -13.96 -2.51 21.34
CA GLU A 39 -13.35 -3.82 21.06
C GLU A 39 -13.07 -4.05 19.57
N GLU A 40 -11.99 -3.42 19.09
CA GLU A 40 -11.46 -3.65 17.76
C GLU A 40 -10.82 -5.04 17.69
N LEU A 41 -10.91 -5.76 18.81
CA LEU A 41 -10.45 -7.16 18.89
C LEU A 41 -11.36 -8.06 18.10
N LYS A 42 -12.51 -7.52 17.69
CA LYS A 42 -13.43 -8.23 16.81
C LYS A 42 -13.12 -8.00 15.33
N ARG A 43 -11.86 -8.07 14.92
CA ARG A 43 -11.47 -7.93 13.51
C ARG A 43 -11.93 -6.65 12.85
N GLY A 44 -12.53 -6.72 11.68
CA GLY A 44 -13.05 -5.57 10.97
C GLY A 44 -14.11 -5.89 9.94
N MET A 45 -15.20 -5.14 9.93
CA MET A 45 -16.37 -5.55 9.18
C MET A 45 -17.16 -4.46 8.52
N THR A 46 -16.82 -3.25 8.86
CA THR A 46 -17.56 -2.07 8.50
C THR A 46 -17.24 -1.26 7.27
N ILE A 47 -15.94 -1.08 7.02
CA ILE A 47 -15.36 -0.18 6.01
C ILE A 47 -15.79 1.23 6.29
N LYS A 48 -15.87 1.56 7.56
CA LYS A 48 -16.29 2.87 7.99
C LYS A 48 -17.77 2.97 7.81
N LEU A 49 -18.45 1.85 7.78
CA LEU A 49 -19.87 1.85 7.68
C LEU A 49 -20.29 1.33 9.02
N GLY A 50 -20.98 2.11 9.86
CA GLY A 50 -21.38 1.62 11.16
C GLY A 50 -22.28 0.43 10.98
N TYR A 51 -22.09 -0.60 11.77
CA TYR A 51 -22.88 -1.80 11.61
C TYR A 51 -23.47 -2.31 12.91
N ALA A 52 -24.68 -2.80 12.86
CA ALA A 52 -25.31 -3.33 14.07
C ALA A 52 -26.29 -4.45 13.77
N GLU A 53 -26.37 -5.39 14.69
CA GLU A 53 -27.29 -6.52 14.59
C GLU A 53 -28.25 -6.42 15.78
N THR A 54 -29.46 -6.93 15.60
CA THR A 54 -30.38 -7.12 16.72
C THR A 54 -31.37 -8.20 16.41
N ASN A 55 -31.74 -8.96 17.42
CA ASN A 55 -32.90 -9.85 17.34
C ASN A 55 -34.19 -9.08 17.26
N ILE A 56 -35.18 -9.66 16.63
CA ILE A 56 -36.52 -9.12 16.59
C ILE A 56 -37.46 -10.24 17.00
N GLY A 57 -38.42 -9.93 17.86
CA GLY A 57 -39.39 -10.89 18.31
C GLY A 57 -40.71 -10.21 18.56
N VAL A 58 -41.70 -10.99 18.96
CA VAL A 58 -43.01 -10.42 19.19
C VAL A 58 -43.83 -11.17 20.24
N CYS A 59 -44.46 -10.41 21.14
CA CYS A 59 -45.30 -10.99 22.15
C CYS A 59 -46.66 -11.13 21.49
N GLU A 60 -47.14 -12.34 21.23
CA GLU A 60 -48.31 -12.51 20.36
C GLU A 60 -49.59 -11.97 20.98
N SER A 61 -49.63 -12.04 22.30
CA SER A 61 -50.78 -11.65 23.09
C SER A 61 -50.84 -10.17 23.56
N CYS A 62 -49.95 -9.33 23.02
CA CYS A 62 -49.82 -7.93 23.46
C CYS A 62 -50.26 -7.10 22.27
N LYS A 63 -50.70 -5.88 22.47
CA LYS A 63 -51.15 -5.14 21.32
C LYS A 63 -49.96 -4.70 20.46
N LYS A 64 -50.13 -4.81 19.15
CA LYS A 64 -49.06 -4.30 18.33
C LYS A 64 -49.31 -2.78 18.21
N PRO A 65 -48.23 -1.99 18.07
CA PRO A 65 -46.84 -2.41 17.90
C PRO A 65 -46.00 -2.66 19.17
N GLU A 66 -46.52 -2.32 20.33
CA GLU A 66 -45.79 -2.40 21.58
C GLU A 66 -45.32 -3.83 21.86
N ALA A 67 -46.06 -4.78 21.29
CA ALA A 67 -45.77 -6.20 21.41
C ALA A 67 -44.41 -6.62 20.88
N TYR A 68 -43.85 -5.80 19.99
CA TYR A 68 -42.55 -6.07 19.39
C TYR A 68 -41.39 -5.77 20.36
N VAL A 69 -40.43 -6.66 20.39
CA VAL A 69 -39.32 -6.58 21.34
C VAL A 69 -38.06 -6.89 20.57
N THR A 70 -36.89 -6.59 21.11
CA THR A 70 -35.66 -6.91 20.41
C THR A 70 -34.89 -7.82 21.31
N GLU A 71 -35.53 -8.16 22.43
CA GLU A 71 -35.01 -9.05 23.46
C GLU A 71 -36.04 -10.09 23.89
N PRO A 72 -35.57 -11.26 24.37
CA PRO A 72 -36.48 -12.36 24.77
C PRO A 72 -37.15 -12.17 26.14
N SER A 73 -37.89 -11.08 26.29
CA SER A 73 -38.67 -10.79 27.50
C SER A 73 -39.99 -10.12 27.14
N CYS A 74 -41.08 -10.48 27.80
CA CYS A 74 -42.31 -9.77 27.51
C CYS A 74 -42.80 -8.99 28.73
N LYS A 75 -41.89 -8.81 29.69
CA LYS A 75 -42.25 -8.09 30.91
C LYS A 75 -42.70 -6.71 30.54
N SER A 76 -42.20 -6.21 29.41
CA SER A 76 -42.55 -4.85 29.02
C SER A 76 -44.01 -4.71 28.60
N CYS A 77 -44.66 -5.82 28.26
CA CYS A 77 -46.09 -5.76 27.97
C CYS A 77 -46.87 -6.61 29.00
N GLY A 78 -46.24 -6.81 30.16
CA GLY A 78 -46.90 -7.40 31.30
C GLY A 78 -47.01 -8.92 31.28
N SER A 79 -46.07 -9.55 30.58
CA SER A 79 -45.97 -11.01 30.52
C SER A 79 -44.60 -11.53 31.02
N ASP A 80 -44.58 -12.66 31.70
CA ASP A 80 -43.29 -13.29 32.04
C ASP A 80 -42.89 -14.30 30.97
N ASP A 81 -43.72 -14.36 29.93
CA ASP A 81 -43.49 -15.31 28.85
C ASP A 81 -42.50 -14.80 27.84
N GLU A 82 -41.89 -15.74 27.15
CA GLU A 82 -40.90 -15.43 26.14
C GLU A 82 -41.57 -15.09 24.84
N PRO A 83 -41.18 -13.96 24.23
CA PRO A 83 -41.84 -13.54 22.98
C PRO A 83 -41.41 -14.53 21.90
N LYS A 84 -42.18 -14.57 20.82
CA LYS A 84 -41.86 -15.41 19.69
C LYS A 84 -40.68 -14.75 19.01
N PHE A 85 -39.65 -15.51 18.70
CA PHE A 85 -38.51 -14.97 17.94
C PHE A 85 -38.88 -14.90 16.47
N LEU A 86 -38.66 -13.76 15.87
CA LEU A 86 -38.99 -13.59 14.47
C LEU A 86 -37.79 -13.78 13.57
N ARG A 87 -36.79 -12.93 13.76
CA ARG A 87 -35.55 -12.98 13.00
C ARG A 87 -34.47 -12.10 13.59
N ARG A 88 -33.25 -12.32 13.14
CA ARG A 88 -32.18 -11.40 13.44
C ARG A 88 -31.94 -10.56 12.23
N ILE A 89 -31.81 -9.25 12.40
CA ILE A 89 -31.62 -8.38 11.26
C ILE A 89 -30.29 -7.65 11.46
N SER A 90 -29.73 -7.11 10.40
CA SER A 90 -28.52 -6.30 10.54
C SER A 90 -28.75 -4.97 9.86
N PHE A 91 -28.03 -3.97 10.32
CA PHE A 91 -28.14 -2.63 9.77
C PHE A 91 -26.85 -2.13 9.21
N ILE A 92 -26.96 -1.43 8.09
CA ILE A 92 -25.77 -0.84 7.54
C ILE A 92 -26.00 0.67 7.55
N ASP A 93 -25.20 1.37 8.35
CA ASP A 93 -25.22 2.83 8.53
C ASP A 93 -24.54 3.58 7.40
N ALA A 94 -25.21 4.60 6.88
CA ALA A 94 -24.70 5.46 5.82
C ALA A 94 -23.45 6.22 6.26
N MET A 101 -17.32 8.16 -3.12
CA MET A 101 -18.52 7.55 -3.70
C MET A 101 -18.49 6.01 -3.77
N ALA A 102 -17.32 5.43 -4.06
CA ALA A 102 -17.22 3.98 -4.27
C ALA A 102 -17.75 3.25 -3.00
N THR A 103 -17.45 3.83 -1.84
CA THR A 103 -17.80 3.31 -0.51
C THR A 103 -19.32 3.19 -0.27
N MET A 104 -20.09 4.24 -0.60
CA MET A 104 -21.54 4.19 -0.44
C MET A 104 -22.08 3.10 -1.37
N LEU A 105 -21.50 2.98 -2.57
CA LEU A 105 -21.94 2.00 -3.57
C LEU A 105 -21.78 0.60 -3.00
N SER A 106 -20.62 0.43 -2.37
CA SER A 106 -20.23 -0.83 -1.77
C SER A 106 -21.19 -1.17 -0.62
N GLY A 107 -21.57 -0.17 0.18
CA GLY A 107 -22.52 -0.40 1.27
C GLY A 107 -23.88 -0.81 0.72
N ALA A 108 -24.23 -0.14 -0.38
CA ALA A 108 -25.48 -0.27 -1.13
C ALA A 108 -25.68 -1.66 -1.76
N ALA A 109 -24.57 -2.30 -2.12
CA ALA A 109 -24.63 -3.62 -2.73
C ALA A 109 -25.27 -4.65 -1.76
N LEU A 110 -25.17 -4.35 -0.46
CA LEU A 110 -25.49 -5.28 0.63
C LEU A 110 -26.88 -5.12 1.25
N MET A 111 -27.62 -4.07 0.90
CA MET A 111 -28.85 -3.76 1.61
C MET A 111 -29.95 -4.62 1.04
N ASP A 112 -30.76 -5.20 1.91
CA ASP A 112 -31.91 -5.93 1.43
C ASP A 112 -33.10 -4.98 1.46
N GLY A 113 -32.93 -3.84 2.11
CA GLY A 113 -34.00 -2.88 2.21
C GLY A 113 -33.42 -1.62 2.77
N ALA A 114 -34.22 -0.58 2.87
CA ALA A 114 -33.67 0.67 3.38
C ALA A 114 -34.66 1.48 4.14
N ILE A 115 -34.11 2.30 5.01
CA ILE A 115 -34.90 3.30 5.69
C ILE A 115 -34.37 4.68 5.34
N LEU A 116 -35.22 5.52 4.78
CA LEU A 116 -34.83 6.87 4.46
C LEU A 116 -35.40 7.79 5.53
N VAL A 117 -34.51 8.40 6.29
CA VAL A 117 -34.82 9.27 7.43
C VAL A 117 -34.98 10.76 7.12
N VAL A 118 -36.13 11.35 7.39
CA VAL A 118 -36.23 12.81 7.25
C VAL A 118 -36.55 13.55 8.54
N ALA A 119 -35.94 14.72 8.66
CA ALA A 119 -36.16 15.53 9.81
C ALA A 119 -37.46 16.30 9.68
N ALA A 120 -38.31 16.11 10.67
CA ALA A 120 -39.61 16.75 10.71
C ALA A 120 -39.54 18.27 10.88
N ASN A 121 -38.41 18.78 11.36
CA ASN A 121 -38.29 20.21 11.61
C ASN A 121 -37.56 20.89 10.48
N GLU A 122 -37.53 20.20 9.36
CA GLU A 122 -36.93 20.76 8.18
C GLU A 122 -37.87 20.63 7.01
N PRO A 123 -37.81 21.61 6.12
CA PRO A 123 -38.68 21.56 4.95
C PRO A 123 -38.42 20.33 4.11
N PHE A 124 -39.50 19.69 3.67
CA PHE A 124 -39.32 18.53 2.83
C PHE A 124 -39.56 18.90 1.36
N PRO A 125 -38.69 18.40 0.46
CA PRO A 125 -37.51 17.59 0.80
C PRO A 125 -36.22 18.39 0.80
N GLN A 126 -35.40 18.13 1.80
CA GLN A 126 -34.04 18.62 1.85
C GLN A 126 -33.26 18.06 0.67
N PRO A 127 -32.19 18.78 0.26
CA PRO A 127 -31.33 18.39 -0.86
C PRO A 127 -30.85 16.94 -0.77
N GLN A 128 -30.26 16.66 0.39
CA GLN A 128 -29.76 15.34 0.71
C GLN A 128 -30.84 14.31 0.62
N THR A 129 -32.04 14.67 1.02
CA THR A 129 -33.16 13.73 0.94
C THR A 129 -33.44 13.30 -0.50
N ARG A 130 -33.53 14.26 -1.41
CA ARG A 130 -33.82 13.91 -2.78
C ARG A 130 -32.69 13.11 -3.42
N GLU A 131 -31.46 13.56 -3.19
CA GLU A 131 -30.25 12.81 -3.57
C GLU A 131 -30.30 11.33 -3.12
N HIS A 132 -30.64 11.13 -1.85
CA HIS A 132 -30.71 9.81 -1.25
C HIS A 132 -31.80 9.01 -1.95
N PHE A 133 -32.93 9.65 -2.22
CA PHE A 133 -34.07 8.99 -2.87
C PHE A 133 -33.73 8.47 -4.27
N VAL A 134 -33.12 9.35 -5.06
CA VAL A 134 -32.63 8.99 -6.39
C VAL A 134 -31.68 7.81 -6.31
N ALA A 135 -30.71 7.93 -5.39
CA ALA A 135 -29.72 6.89 -5.15
C ALA A 135 -30.41 5.56 -4.86
N LEU A 136 -31.42 5.60 -4.03
CA LEU A 136 -32.16 4.38 -3.71
C LEU A 136 -32.87 3.77 -4.91
N GLY A 137 -33.37 4.65 -5.78
CA GLY A 137 -34.00 4.21 -7.00
C GLY A 137 -33.02 3.54 -7.93
N ILE A 138 -31.84 4.13 -8.05
CA ILE A 138 -30.79 3.61 -8.93
C ILE A 138 -30.31 2.22 -8.49
N ILE A 139 -30.06 2.03 -7.21
CA ILE A 139 -29.52 0.77 -6.75
C ILE A 139 -30.53 -0.39 -6.64
N GLY A 140 -31.81 -0.13 -6.91
CA GLY A 140 -32.78 -1.22 -6.90
C GLY A 140 -33.34 -1.71 -5.58
N VAL A 141 -33.06 -0.94 -4.55
CA VAL A 141 -33.49 -1.28 -3.21
C VAL A 141 -34.87 -0.66 -3.08
N LYS A 142 -35.88 -1.49 -3.33
CA LYS A 142 -37.22 -0.96 -3.32
C LYS A 142 -38.00 -1.32 -2.07
N ASN A 143 -37.41 -2.13 -1.20
CA ASN A 143 -38.01 -2.30 0.12
C ASN A 143 -37.73 -1.11 1.05
N LEU A 144 -38.57 -0.09 1.00
CA LEU A 144 -38.26 1.17 1.68
C LEU A 144 -39.23 1.54 2.77
N ILE A 145 -38.69 2.18 3.81
CA ILE A 145 -39.48 2.84 4.83
C ILE A 145 -38.98 4.22 5.02
N ILE A 146 -39.86 5.18 5.02
CA ILE A 146 -39.48 6.50 5.35
C ILE A 146 -39.76 6.77 6.78
N VAL A 147 -38.75 7.22 7.48
CA VAL A 147 -38.90 7.54 8.86
C VAL A 147 -38.93 9.06 9.09
N GLN A 148 -39.99 9.58 9.67
CA GLN A 148 -39.98 10.98 10.08
C GLN A 148 -39.36 11.10 11.47
N ASN A 149 -38.05 11.36 11.52
CA ASN A 149 -37.38 11.47 12.80
C ASN A 149 -37.51 12.84 13.42
N LYS A 150 -37.30 12.90 14.75
CA LYS A 150 -37.44 14.13 15.51
C LYS A 150 -38.84 14.73 15.42
N VAL A 151 -39.85 13.89 15.32
CA VAL A 151 -41.23 14.37 15.29
C VAL A 151 -41.69 14.98 16.63
N ASP A 152 -40.89 14.80 17.68
CA ASP A 152 -41.21 15.32 19.01
C ASP A 152 -40.82 16.79 19.19
N VAL A 153 -40.08 17.34 18.24
CA VAL A 153 -39.74 18.75 18.25
C VAL A 153 -40.65 19.62 17.39
N VAL A 154 -41.62 19.01 16.71
CA VAL A 154 -42.63 19.72 15.92
C VAL A 154 -43.97 19.22 16.42
N SER A 155 -45.02 19.98 16.14
CA SER A 155 -46.37 19.61 16.54
C SER A 155 -46.92 18.41 15.76
N LYS A 156 -48.07 17.89 16.18
CA LYS A 156 -48.75 16.83 15.46
C LYS A 156 -49.08 17.32 14.06
N GLU A 157 -49.57 18.54 14.03
CA GLU A 157 -49.98 19.20 12.83
C GLU A 157 -48.83 19.38 11.83
N GLU A 158 -47.66 19.77 12.32
CA GLU A 158 -46.56 20.00 11.40
C GLU A 158 -46.09 18.68 10.81
N ALA A 159 -46.03 17.66 11.67
CA ALA A 159 -45.67 16.32 11.24
C ALA A 159 -46.63 15.73 10.22
N LEU A 160 -47.92 15.96 10.47
CA LEU A 160 -48.94 15.47 9.55
C LEU A 160 -48.88 16.19 8.19
N SER A 161 -48.65 17.51 8.22
CA SER A 161 -48.45 18.29 7.00
C SER A 161 -47.30 17.74 6.17
N GLN A 162 -46.17 17.54 6.84
CA GLN A 162 -45.02 17.02 6.11
C GLN A 162 -45.29 15.60 5.62
N TYR A 163 -46.00 14.79 6.42
CA TYR A 163 -46.40 13.45 6.01
C TYR A 163 -47.14 13.49 4.66
N ARG A 164 -48.12 14.38 4.57
CA ARG A 164 -48.89 14.55 3.33
C ARG A 164 -48.01 15.03 2.18
N GLN A 165 -47.08 15.94 2.46
CA GLN A 165 -46.14 16.37 1.42
C GLN A 165 -45.29 15.25 0.87
N ILE A 166 -44.84 14.38 1.77
CA ILE A 166 -44.04 13.27 1.37
C ILE A 166 -44.87 12.28 0.53
N LYS A 167 -46.09 12.00 1.00
CA LYS A 167 -47.00 11.11 0.27
C LYS A 167 -47.35 11.65 -1.13
N GLN A 168 -47.59 12.95 -1.20
CA GLN A 168 -47.86 13.63 -2.46
C GLN A 168 -46.65 13.55 -3.38
N PHE A 169 -45.47 13.63 -2.77
CA PHE A 169 -44.23 13.57 -3.51
C PHE A 169 -44.03 12.17 -4.10
N THR A 170 -44.43 11.17 -3.33
CA THR A 170 -44.30 9.79 -3.71
C THR A 170 -45.46 9.32 -4.58
N LYS A 171 -46.55 10.09 -4.64
CA LYS A 171 -47.74 9.66 -5.36
C LYS A 171 -47.51 9.41 -6.84
N GLY A 172 -46.55 10.07 -7.46
CA GLY A 172 -46.34 9.81 -8.87
C GLY A 172 -45.27 8.77 -9.16
N THR A 173 -44.40 8.58 -8.15
CA THR A 173 -43.31 7.60 -8.22
C THR A 173 -43.60 6.20 -7.72
N TRP A 174 -42.57 5.37 -7.90
CA TRP A 174 -42.52 3.97 -7.47
C TRP A 174 -42.64 3.83 -5.97
N ALA A 175 -42.41 4.93 -5.25
CA ALA A 175 -42.46 4.93 -3.79
C ALA A 175 -43.80 5.43 -3.27
N GLU A 176 -44.82 5.36 -4.11
CA GLU A 176 -46.15 5.85 -3.78
C GLU A 176 -46.69 5.29 -2.50
N ASN A 177 -46.41 4.00 -2.29
CA ASN A 177 -46.96 3.30 -1.15
C ASN A 177 -45.97 3.01 -0.05
N VAL A 178 -44.79 3.61 -0.11
CA VAL A 178 -43.82 3.39 0.97
C VAL A 178 -44.38 4.04 2.21
N PRO A 179 -44.37 3.30 3.30
CA PRO A 179 -44.91 3.79 4.56
C PRO A 179 -44.07 4.92 5.12
N ILE A 180 -44.70 5.80 5.88
CA ILE A 180 -43.97 6.85 6.57
C ILE A 180 -44.15 6.68 8.07
N ILE A 181 -43.04 6.57 8.78
CA ILE A 181 -43.14 6.31 10.19
C ILE A 181 -42.46 7.39 11.00
N PRO A 182 -43.24 8.11 11.82
CA PRO A 182 -42.68 9.19 12.64
C PRO A 182 -41.99 8.61 13.90
N VAL A 183 -40.76 9.02 14.18
CA VAL A 183 -40.12 8.60 15.41
C VAL A 183 -39.25 9.70 15.96
N SER A 184 -38.84 9.54 17.21
CA SER A 184 -37.73 10.30 17.71
C SER A 184 -36.69 9.31 18.07
N ALA A 185 -35.58 9.38 17.36
CA ALA A 185 -34.50 8.45 17.62
C ALA A 185 -33.83 8.79 18.92
N LEU A 186 -33.64 10.09 19.13
CA LEU A 186 -32.93 10.52 20.31
C LEU A 186 -33.64 10.21 21.64
N HIS A 187 -34.94 10.49 21.69
CA HIS A 187 -35.77 10.33 22.89
C HIS A 187 -36.64 9.11 22.89
N LYS A 188 -36.46 8.25 21.89
CA LYS A 188 -37.16 6.97 21.74
C LYS A 188 -38.69 6.96 21.72
N ILE A 189 -39.28 7.73 20.82
CA ILE A 189 -40.74 7.73 20.67
C ILE A 189 -41.24 6.94 19.46
N ASN A 190 -42.19 6.04 19.73
CA ASN A 190 -42.90 5.29 18.72
C ASN A 190 -41.99 4.35 17.97
N ILE A 191 -40.93 3.91 18.62
CA ILE A 191 -39.96 2.98 18.02
C ILE A 191 -40.58 1.61 17.67
N ASP A 192 -41.50 1.13 18.51
CA ASP A 192 -42.14 -0.15 18.26
C ASP A 192 -42.91 -0.17 16.95
N SER A 193 -43.43 0.99 16.55
CA SER A 193 -44.09 1.11 15.24
C SER A 193 -43.13 0.92 14.05
N LEU A 194 -41.91 1.40 14.21
CA LEU A 194 -40.90 1.22 13.18
C LEU A 194 -40.45 -0.22 13.10
N ILE A 195 -40.30 -0.87 14.24
CA ILE A 195 -39.96 -2.28 14.14
C ILE A 195 -41.09 -3.02 13.43
N GLU A 196 -42.33 -2.71 13.77
CA GLU A 196 -43.42 -3.31 13.03
C GLU A 196 -43.29 -3.05 11.54
N GLY A 197 -42.97 -1.81 11.17
CA GLY A 197 -42.81 -1.41 9.77
C GLY A 197 -41.72 -2.18 9.03
N ILE A 198 -40.63 -2.41 9.74
CA ILE A 198 -39.54 -3.20 9.22
C ILE A 198 -40.06 -4.65 9.00
N GLU A 199 -40.89 -5.14 9.91
CA GLU A 199 -41.45 -6.48 9.70
C GLU A 199 -42.43 -6.55 8.52
N GLU A 200 -43.24 -5.52 8.30
CA GLU A 200 -44.23 -5.62 7.26
C GLU A 200 -43.72 -5.23 5.89
N TYR A 201 -42.79 -4.29 5.85
CA TYR A 201 -42.33 -3.69 4.59
C TYR A 201 -40.90 -4.02 4.09
N ILE A 202 -40.08 -4.57 4.98
CA ILE A 202 -38.74 -5.01 4.62
C ILE A 202 -38.62 -6.47 5.01
N LYS A 203 -39.43 -7.28 4.33
CA LYS A 203 -39.41 -8.70 4.53
C LYS A 203 -38.12 -9.37 4.11
N THR A 204 -37.81 -10.50 4.75
CA THR A 204 -36.64 -11.26 4.37
C THR A 204 -36.88 -11.84 2.97
N PRO A 205 -35.98 -11.55 2.04
CA PRO A 205 -36.05 -12.04 0.66
C PRO A 205 -35.97 -13.56 0.52
N TYR A 206 -36.48 -14.08 -0.59
CA TYR A 206 -36.32 -15.49 -0.88
C TYR A 206 -34.89 -15.97 -1.03
N ARG A 207 -34.59 -17.10 -0.41
CA ARG A 207 -33.27 -17.68 -0.54
C ARG A 207 -33.29 -19.07 -1.13
N ASP A 208 -32.63 -19.22 -2.26
CA ASP A 208 -32.43 -20.53 -2.83
C ASP A 208 -31.11 -21.04 -2.32
N LEU A 209 -31.11 -21.92 -1.33
CA LEU A 209 -29.81 -22.23 -0.76
C LEU A 209 -29.10 -23.33 -1.52
N SER A 210 -29.66 -23.70 -2.66
CA SER A 210 -28.95 -24.58 -3.59
C SER A 210 -28.07 -23.81 -4.58
N GLN A 211 -28.32 -22.50 -4.70
CA GLN A 211 -27.55 -21.60 -5.56
C GLN A 211 -26.07 -21.59 -5.16
N LYS A 212 -25.18 -21.35 -6.13
CA LYS A 212 -23.73 -21.28 -5.87
C LYS A 212 -23.36 -20.17 -4.89
N PRO A 213 -22.53 -20.53 -3.91
CA PRO A 213 -22.16 -19.57 -2.88
C PRO A 213 -21.41 -18.40 -3.49
N VAL A 214 -21.89 -17.19 -3.21
CA VAL A 214 -21.22 -15.98 -3.62
C VAL A 214 -21.20 -15.00 -2.46
N MET A 215 -20.01 -14.48 -2.22
CA MET A 215 -19.81 -13.50 -1.19
C MET A 215 -19.20 -12.27 -1.79
N LEU A 216 -19.74 -11.13 -1.41
CA LEU A 216 -19.20 -9.86 -1.83
C LEU A 216 -18.16 -9.49 -0.80
N VAL A 217 -16.95 -9.18 -1.22
CA VAL A 217 -15.92 -8.82 -0.24
C VAL A 217 -15.86 -7.33 -0.10
N ILE A 218 -15.97 -6.83 1.13
CA ILE A 218 -15.97 -5.40 1.33
C ILE A 218 -14.84 -4.89 2.23
N ARG A 219 -14.17 -5.80 2.94
CA ARG A 219 -12.96 -5.48 3.72
C ARG A 219 -11.96 -6.63 3.75
N SER A 220 -10.69 -6.32 3.92
CA SER A 220 -9.74 -7.36 4.31
C SER A 220 -8.66 -6.76 5.20
N PHE A 221 -8.26 -7.52 6.13
CA PHE A 221 -7.35 -7.04 7.15
C PHE A 221 -6.33 -8.07 7.53
N ASP A 222 -5.14 -7.60 7.96
CA ASP A 222 -4.29 -8.53 8.66
C ASP A 222 -4.56 -8.33 10.16
N VAL A 223 -5.15 -9.36 10.77
CA VAL A 223 -5.60 -9.26 12.15
C VAL A 223 -4.48 -9.64 13.12
N ASN A 224 -3.33 -10.06 12.60
CA ASN A 224 -2.23 -10.42 13.47
C ASN A 224 -1.70 -9.10 14.00
N LYS A 225 -1.66 -9.04 15.33
CA LYS A 225 -1.17 -7.89 16.04
C LYS A 225 0.34 -7.82 16.03
N PRO A 226 0.87 -6.61 16.20
CA PRO A 226 2.31 -6.42 16.34
C PRO A 226 2.85 -7.19 17.54
N GLY A 227 3.97 -7.86 17.32
CA GLY A 227 4.57 -8.69 18.31
C GLY A 227 4.10 -10.11 18.17
N THR A 228 3.18 -10.38 17.24
CA THR A 228 2.75 -11.76 17.02
C THR A 228 3.91 -12.68 16.67
N GLN A 229 4.03 -13.79 17.38
CA GLN A 229 5.06 -14.77 17.07
C GLN A 229 4.73 -15.42 15.74
N PHE A 230 5.77 -15.67 14.95
CA PHE A 230 5.55 -16.13 13.60
C PHE A 230 4.77 -17.44 13.51
N ASN A 231 5.04 -18.37 14.42
CA ASN A 231 4.37 -19.68 14.40
C ASN A 231 2.93 -19.67 14.91
N GLU A 232 2.47 -18.54 15.40
CA GLU A 232 1.10 -18.40 15.89
C GLU A 232 0.30 -17.53 14.93
N LEU A 233 0.89 -17.20 13.79
CA LEU A 233 0.20 -16.39 12.78
C LEU A 233 -1.03 -17.06 12.23
N LYS A 234 -2.10 -16.26 12.11
CA LYS A 234 -3.34 -16.66 11.45
C LYS A 234 -3.29 -16.20 10.00
N GLY A 235 -3.96 -16.93 9.11
CA GLY A 235 -3.99 -16.49 7.73
C GLY A 235 -4.77 -15.22 7.55
N GLY A 236 -4.69 -14.63 6.36
CA GLY A 236 -5.41 -13.39 6.10
C GLY A 236 -6.90 -13.54 6.28
N VAL A 237 -7.56 -12.45 6.63
CA VAL A 237 -9.00 -12.53 6.80
C VAL A 237 -9.74 -11.64 5.83
N ILE A 238 -10.81 -12.21 5.27
CA ILE A 238 -11.60 -11.49 4.32
C ILE A 238 -12.98 -11.34 4.87
N GLY A 239 -13.40 -10.10 4.95
CA GLY A 239 -14.70 -9.72 5.44
C GLY A 239 -15.60 -9.26 4.31
N GLY A 240 -16.82 -9.74 4.29
CA GLY A 240 -17.72 -9.32 3.25
C GLY A 240 -19.15 -9.68 3.55
N SER A 241 -19.96 -9.72 2.50
CA SER A 241 -21.37 -9.97 2.66
C SER A 241 -21.73 -11.03 1.65
N ILE A 242 -22.32 -12.12 2.15
CA ILE A 242 -22.72 -13.20 1.29
C ILE A 242 -24.00 -12.82 0.62
N ILE A 243 -24.01 -12.91 -0.70
CA ILE A 243 -25.17 -12.44 -1.40
C ILE A 243 -25.97 -13.61 -1.89
N GLN A 244 -25.36 -14.78 -1.98
CA GLN A 244 -26.19 -15.93 -2.30
C GLN A 244 -25.55 -17.24 -1.89
N GLY A 245 -26.37 -18.27 -1.71
CA GLY A 245 -25.84 -19.57 -1.39
C GLY A 245 -25.31 -19.58 0.02
N LEU A 246 -24.46 -20.54 0.34
CA LEU A 246 -23.87 -20.55 1.65
C LEU A 246 -22.48 -21.13 1.67
N PHE A 247 -21.65 -20.63 2.58
CA PHE A 247 -20.31 -21.13 2.67
C PHE A 247 -20.11 -21.93 3.95
N LYS A 248 -19.17 -22.87 3.92
CA LYS A 248 -18.86 -23.68 5.11
C LYS A 248 -17.36 -23.65 5.27
N VAL A 249 -16.92 -23.78 6.50
CA VAL A 249 -15.53 -23.93 6.83
C VAL A 249 -14.91 -25.11 6.08
N ASP A 250 -13.68 -24.93 5.60
CA ASP A 250 -12.92 -25.92 4.83
C ASP A 250 -13.38 -26.06 3.39
N GLN A 251 -14.38 -25.27 2.96
CA GLN A 251 -14.72 -25.30 1.54
C GLN A 251 -13.56 -24.63 0.82
N GLU A 252 -13.22 -25.13 -0.36
CA GLU A 252 -12.23 -24.47 -1.20
C GLU A 252 -12.91 -23.33 -1.93
N ILE A 253 -12.32 -22.16 -1.82
CA ILE A 253 -12.90 -20.99 -2.45
C ILE A 253 -11.83 -20.26 -3.22
N LYS A 254 -12.27 -19.27 -3.99
CA LYS A 254 -11.38 -18.39 -4.69
C LYS A 254 -11.85 -16.97 -4.70
N VAL A 255 -10.87 -16.08 -4.78
CA VAL A 255 -11.03 -14.64 -4.80
C VAL A 255 -10.86 -14.15 -6.21
N LEU A 256 -11.82 -13.36 -6.67
CA LEU A 256 -11.79 -12.91 -8.03
C LEU A 256 -11.93 -11.41 -8.04
N PRO A 257 -11.26 -10.74 -8.98
CA PRO A 257 -10.36 -11.27 -10.01
C PRO A 257 -9.13 -11.99 -9.43
N GLY A 258 -8.71 -11.61 -8.24
CA GLY A 258 -7.68 -12.35 -7.57
C GLY A 258 -6.50 -11.45 -7.47
N LEU A 259 -5.34 -12.05 -7.72
CA LEU A 259 -4.06 -11.41 -7.56
C LEU A 259 -3.62 -10.75 -8.83
N ARG A 260 -3.27 -9.47 -8.75
CA ARG A 260 -2.73 -8.77 -9.89
C ARG A 260 -1.32 -9.24 -10.05
N VAL A 261 -1.03 -9.83 -11.19
CA VAL A 261 0.31 -10.34 -11.42
C VAL A 261 1.01 -9.67 -12.59
N GLU A 262 2.20 -9.16 -12.32
CA GLU A 262 2.99 -8.57 -13.39
C GLU A 262 4.19 -9.48 -13.68
N LYS A 263 4.16 -10.13 -14.82
CA LYS A 263 5.32 -10.77 -15.38
C LYS A 263 6.01 -9.60 -16.02
N GLN A 264 7.30 -9.71 -16.33
CA GLN A 264 8.00 -8.54 -16.84
C GLN A 264 7.29 -8.05 -18.12
N GLY A 265 6.88 -6.79 -18.08
CA GLY A 265 6.16 -6.15 -19.18
C GLY A 265 4.80 -6.77 -19.49
N LYS A 266 4.12 -7.26 -18.44
CA LYS A 266 2.80 -7.88 -18.59
C LYS A 266 1.93 -7.66 -17.34
N VAL A 267 0.61 -7.62 -17.48
CA VAL A 267 -0.27 -7.51 -16.31
C VAL A 267 -1.47 -8.46 -16.50
N SER A 268 -1.93 -9.09 -15.41
CA SER A 268 -3.09 -9.98 -15.45
C SER A 268 -3.55 -10.28 -14.05
N TYR A 269 -4.71 -10.90 -13.92
CA TYR A 269 -5.22 -11.23 -12.59
C TYR A 269 -5.47 -12.70 -12.55
N GLU A 270 -4.91 -13.29 -11.51
CA GLU A 270 -5.04 -14.70 -11.33
C GLU A 270 -5.78 -14.93 -10.06
N PRO A 271 -6.88 -15.66 -10.12
CA PRO A 271 -7.74 -15.96 -8.97
C PRO A 271 -6.93 -16.45 -7.82
N ILE A 272 -7.35 -16.05 -6.63
CA ILE A 272 -6.65 -16.51 -5.46
C ILE A 272 -7.37 -17.62 -4.73
N PHE A 273 -6.75 -18.78 -4.68
CA PHE A 273 -7.37 -19.93 -4.08
C PHE A 273 -6.97 -20.07 -2.65
N THR A 274 -7.95 -20.32 -1.80
CA THR A 274 -7.70 -20.55 -0.40
C THR A 274 -8.84 -21.39 0.15
N LYS A 275 -8.83 -21.60 1.47
CA LYS A 275 -9.83 -22.40 2.16
C LYS A 275 -10.37 -21.60 3.34
N ILE A 276 -11.66 -21.76 3.66
CA ILE A 276 -12.24 -21.08 4.82
C ILE A 276 -11.87 -21.75 6.13
N SER A 277 -11.25 -20.99 7.01
CA SER A 277 -10.86 -21.51 8.30
C SER A 277 -11.87 -21.23 9.36
N SER A 278 -12.61 -20.13 9.21
CA SER A 278 -13.59 -19.74 10.22
C SER A 278 -14.63 -18.77 9.67
N ILE A 279 -15.83 -18.81 10.24
CA ILE A 279 -16.89 -17.92 9.83
C ILE A 279 -17.41 -17.21 11.07
N ARG A 280 -17.52 -15.88 11.01
CA ARG A 280 -17.94 -15.13 12.19
C ARG A 280 -18.92 -14.00 11.92
N PHE A 281 -19.97 -13.90 12.72
CA PHE A 281 -20.84 -12.71 12.70
C PHE A 281 -20.74 -11.99 14.06
N GLY A 282 -20.15 -10.79 14.04
CA GLY A 282 -19.88 -10.08 15.27
C GLY A 282 -18.84 -10.80 16.11
N ASP A 283 -19.26 -11.23 17.29
CA ASP A 283 -18.34 -11.97 18.14
C ASP A 283 -18.80 -13.41 18.28
N GLU A 284 -19.74 -13.82 17.43
CA GLU A 284 -20.22 -15.21 17.42
C GLU A 284 -19.62 -15.98 16.23
N GLU A 285 -19.12 -17.19 16.51
CA GLU A 285 -18.59 -18.09 15.49
C GLU A 285 -19.69 -19.02 14.94
N PHE A 286 -19.63 -19.29 13.63
CA PHE A 286 -20.59 -20.20 13.04
C PHE A 286 -19.99 -21.26 12.17
N LYS A 287 -20.79 -22.28 11.93
CA LYS A 287 -20.33 -23.39 11.16
C LYS A 287 -20.60 -23.15 9.68
N GLU A 288 -21.56 -22.28 9.39
CA GLU A 288 -21.88 -21.99 8.01
C GLU A 288 -22.30 -20.54 7.93
N ALA A 289 -22.29 -19.98 6.73
CA ALA A 289 -22.62 -18.58 6.55
C ALA A 289 -23.52 -18.40 5.34
N LYS A 290 -24.62 -17.70 5.56
CA LYS A 290 -25.68 -17.50 4.57
C LYS A 290 -25.82 -16.00 4.32
N PRO A 291 -26.63 -15.61 3.33
CA PRO A 291 -26.86 -14.18 3.07
C PRO A 291 -27.38 -13.42 4.28
N GLY A 292 -27.08 -12.14 4.39
CA GLY A 292 -27.50 -11.43 5.57
C GLY A 292 -26.38 -11.17 6.57
N GLY A 293 -26.28 -9.93 7.04
CA GLY A 293 -25.29 -9.59 8.05
C GLY A 293 -23.91 -9.46 7.44
N LEU A 294 -22.98 -8.91 8.20
CA LEU A 294 -21.61 -8.89 7.71
C LEU A 294 -20.83 -10.04 8.33
N VAL A 295 -20.19 -10.80 7.47
CA VAL A 295 -19.46 -11.98 7.87
C VAL A 295 -17.95 -11.76 7.79
N ALA A 296 -17.25 -12.40 8.73
CA ALA A 296 -15.81 -12.47 8.73
C ALA A 296 -15.38 -13.86 8.34
N ILE A 297 -14.54 -13.91 7.32
CA ILE A 297 -14.13 -15.16 6.77
C ILE A 297 -12.65 -15.32 6.94
N GLY A 298 -12.28 -16.31 7.73
CA GLY A 298 -10.88 -16.63 7.91
C GLY A 298 -10.37 -17.38 6.70
N THR A 299 -9.14 -17.12 6.31
CA THR A 299 -8.58 -17.82 5.17
C THR A 299 -7.20 -18.36 5.57
N TYR A 300 -6.55 -19.03 4.64
CA TYR A 300 -5.17 -19.52 4.80
C TYR A 300 -4.28 -18.61 3.96
N LEU A 301 -4.74 -17.38 3.74
CA LEU A 301 -3.99 -16.47 2.88
C LEU A 301 -2.87 -15.77 3.60
N ASP A 302 -1.78 -15.61 2.88
CA ASP A 302 -0.72 -14.67 3.24
C ASP A 302 -1.34 -13.31 3.56
N PRO A 303 -1.18 -12.86 4.81
CA PRO A 303 -1.83 -11.62 5.22
C PRO A 303 -1.41 -10.43 4.40
N SER A 304 -0.29 -10.53 3.70
CA SER A 304 0.10 -9.45 2.78
C SER A 304 -1.01 -9.26 1.73
N LEU A 305 -1.73 -10.34 1.45
CA LEU A 305 -2.76 -10.30 0.41
C LEU A 305 -4.02 -9.60 0.87
N THR A 306 -4.25 -9.59 2.18
CA THR A 306 -5.46 -9.03 2.74
C THR A 306 -5.16 -7.73 3.47
N LYS A 307 -3.89 -7.56 3.84
CA LYS A 307 -3.46 -6.39 4.61
C LYS A 307 -4.10 -5.14 4.02
N ALA A 308 -4.71 -4.36 4.89
CA ALA A 308 -5.21 -3.06 4.52
C ALA A 308 -6.20 -3.04 3.36
N ASP A 309 -7.22 -3.87 3.39
CA ASP A 309 -8.23 -3.86 2.33
C ASP A 309 -7.71 -4.08 0.92
N ASN A 310 -6.61 -4.79 0.78
CA ASN A 310 -6.08 -5.09 -0.55
C ASN A 310 -7.12 -5.73 -1.49
N LEU A 311 -8.02 -6.49 -0.88
CA LEU A 311 -8.98 -7.29 -1.61
C LEU A 311 -10.35 -6.68 -1.71
N LEU A 312 -10.49 -5.48 -1.18
CA LEU A 312 -11.74 -4.76 -1.31
C LEU A 312 -12.27 -4.75 -2.74
N GLY A 313 -13.55 -5.09 -2.90
CA GLY A 313 -14.21 -5.10 -4.20
C GLY A 313 -14.21 -6.45 -4.92
N SER A 314 -13.50 -7.40 -4.32
CA SER A 314 -13.46 -8.71 -4.88
C SER A 314 -14.71 -9.43 -4.56
N ILE A 315 -14.89 -10.58 -5.18
CA ILE A 315 -15.89 -11.50 -4.71
C ILE A 315 -15.24 -12.82 -4.33
N ILE A 316 -15.95 -13.63 -3.56
CA ILE A 316 -15.44 -14.93 -3.24
C ILE A 316 -16.47 -15.93 -3.70
N THR A 317 -16.01 -17.00 -4.34
CA THR A 317 -16.91 -18.09 -4.75
C THR A 317 -16.24 -19.38 -4.38
N LEU A 318 -16.92 -20.49 -4.58
CA LEU A 318 -16.26 -21.77 -4.43
C LEU A 318 -15.12 -21.92 -5.47
N ALA A 319 -14.11 -22.72 -5.16
CA ALA A 319 -12.96 -22.83 -6.07
C ALA A 319 -13.34 -23.30 -7.48
N ASP A 320 -14.34 -24.16 -7.58
CA ASP A 320 -14.73 -24.78 -8.85
C ASP A 320 -15.86 -24.06 -9.53
N ALA A 321 -16.22 -22.91 -8.99
CA ALA A 321 -17.25 -22.08 -9.59
C ALA A 321 -16.84 -21.59 -10.96
N GLU A 322 -17.78 -21.50 -11.89
CA GLU A 322 -17.44 -20.95 -13.17
C GLU A 322 -17.94 -19.53 -13.24
N VAL A 323 -17.00 -18.61 -13.20
CA VAL A 323 -17.35 -17.19 -13.17
C VAL A 323 -16.45 -16.44 -14.14
N PRO A 324 -17.06 -15.82 -15.15
CA PRO A 324 -16.35 -15.02 -16.16
C PRO A 324 -15.75 -13.79 -15.52
N VAL A 325 -14.50 -13.54 -15.81
CA VAL A 325 -13.85 -12.33 -15.37
C VAL A 325 -13.58 -11.47 -16.61
N LEU A 326 -14.25 -10.32 -16.73
CA LEU A 326 -14.34 -9.66 -18.03
C LEU A 326 -13.80 -8.25 -18.04
N TRP A 327 -13.02 -7.93 -19.07
CA TRP A 327 -12.46 -6.58 -19.22
C TRP A 327 -13.32 -5.78 -20.13
N ASN A 328 -14.26 -6.46 -20.77
CA ASN A 328 -15.18 -5.79 -21.64
C ASN A 328 -16.57 -6.31 -21.31
N ILE A 329 -17.48 -5.38 -21.12
CA ILE A 329 -18.83 -5.79 -20.78
C ILE A 329 -19.90 -5.05 -21.53
N ARG A 330 -21.01 -5.74 -21.71
CA ARG A 330 -22.17 -5.16 -22.36
C ARG A 330 -23.19 -4.88 -21.28
N ILE A 331 -23.83 -3.71 -21.32
CA ILE A 331 -24.74 -3.33 -20.26
C ILE A 331 -26.03 -2.83 -20.92
N LYS A 332 -27.17 -3.41 -20.54
CA LYS A 332 -28.45 -2.89 -21.00
C LYS A 332 -28.83 -1.82 -20.00
N TYR A 333 -28.85 -0.57 -20.45
CA TYR A 333 -28.87 0.48 -19.47
C TYR A 333 -30.11 1.35 -19.61
N ASN A 334 -30.33 2.13 -18.56
CA ASN A 334 -31.38 3.12 -18.44
C ASN A 334 -30.82 4.30 -17.66
N LEU A 335 -30.88 5.48 -18.28
CA LEU A 335 -30.40 6.72 -17.71
C LEU A 335 -31.53 7.51 -17.05
N LEU A 336 -31.19 8.27 -16.01
CA LEU A 336 -32.11 9.22 -15.43
C LEU A 336 -32.37 10.37 -16.37
N GLU A 337 -33.59 10.89 -16.31
CA GLU A 337 -33.97 12.10 -17.03
C GLU A 337 -33.11 13.27 -16.58
N ARG A 338 -32.86 13.39 -15.29
CA ARG A 338 -31.99 14.46 -14.80
C ARG A 338 -31.38 14.18 -13.42
N VAL A 339 -30.40 15.01 -13.08
CA VAL A 339 -29.56 14.79 -11.92
C VAL A 339 -29.60 15.91 -10.90
N VAL A 340 -29.65 15.48 -9.64
CA VAL A 340 -29.71 16.37 -8.50
C VAL A 340 -28.42 17.16 -8.46
N GLY A 341 -28.54 18.47 -8.27
CA GLY A 341 -27.38 19.32 -8.24
C GLY A 341 -27.59 20.36 -7.17
N ALA A 342 -26.48 20.96 -6.74
CA ALA A 342 -26.47 22.14 -5.88
C ALA A 342 -27.60 23.12 -6.15
N LYS A 343 -27.59 23.70 -7.34
CA LYS A 343 -28.56 24.72 -7.67
C LYS A 343 -29.73 24.15 -8.46
N GLU A 344 -29.42 23.40 -9.50
CA GLU A 344 -30.47 22.92 -10.38
C GLU A 344 -30.37 21.48 -10.81
N MET A 345 -31.51 20.98 -11.26
CA MET A 345 -31.61 19.69 -11.90
C MET A 345 -30.80 19.85 -13.16
N LEU A 346 -30.14 18.78 -13.54
CA LEU A 346 -29.18 18.82 -14.61
C LEU A 346 -29.56 17.83 -15.66
N LYS A 347 -29.51 18.25 -16.91
CA LYS A 347 -29.92 17.39 -17.98
C LYS A 347 -28.86 16.29 -18.11
N VAL A 348 -29.31 15.06 -18.34
CA VAL A 348 -28.41 13.94 -18.55
C VAL A 348 -28.16 13.65 -20.02
N ASP A 349 -26.97 14.01 -20.50
CA ASP A 349 -26.58 13.67 -21.85
C ASP A 349 -26.52 12.14 -22.02
N PRO A 350 -26.95 11.65 -23.19
CA PRO A 350 -26.86 10.23 -23.56
C PRO A 350 -25.43 9.77 -23.54
N ILE A 351 -25.21 8.47 -23.39
CA ILE A 351 -23.86 7.96 -23.32
C ILE A 351 -23.14 8.29 -24.61
N ARG A 352 -21.85 8.59 -24.54
CA ARG A 352 -21.13 8.89 -25.76
C ARG A 352 -19.88 8.01 -25.86
N ALA A 353 -19.53 7.56 -27.05
CA ALA A 353 -18.32 6.75 -27.24
C ALA A 353 -17.02 7.52 -26.90
N LYS A 354 -16.07 6.79 -26.29
CA LYS A 354 -14.71 7.22 -25.90
C LYS A 354 -14.71 7.95 -24.57
N GLU A 355 -15.90 8.18 -24.04
CA GLU A 355 -16.02 8.81 -22.74
C GLU A 355 -15.75 7.76 -21.66
N THR A 356 -15.30 8.21 -20.50
CA THR A 356 -15.01 7.31 -19.38
C THR A 356 -16.18 7.27 -18.37
N LEU A 357 -16.63 6.08 -18.00
CA LEU A 357 -17.67 5.92 -16.97
C LEU A 357 -17.17 5.11 -15.78
N MET A 358 -17.82 5.29 -14.64
CA MET A 358 -17.55 4.39 -13.52
C MET A 358 -18.65 3.37 -13.32
N LEU A 359 -18.26 2.11 -13.23
CA LEU A 359 -19.25 1.07 -13.07
C LEU A 359 -19.06 0.36 -11.74
N SER A 360 -20.14 0.34 -10.98
CA SER A 360 -20.18 -0.39 -9.74
C SER A 360 -20.89 -1.68 -9.97
N VAL A 361 -20.20 -2.73 -9.61
CA VAL A 361 -20.74 -4.05 -9.72
C VAL A 361 -20.50 -4.73 -8.38
N GLY A 362 -21.60 -5.10 -7.73
CA GLY A 362 -21.48 -5.62 -6.39
C GLY A 362 -20.72 -4.64 -5.52
N SER A 363 -19.68 -5.15 -4.85
CA SER A 363 -18.87 -4.33 -3.97
C SER A 363 -17.71 -3.70 -4.69
N SER A 364 -17.66 -3.92 -6.01
CA SER A 364 -16.57 -3.38 -6.80
C SER A 364 -16.94 -2.07 -7.49
N THR A 365 -15.90 -1.33 -7.85
CA THR A 365 -16.05 -0.09 -8.55
C THR A 365 -14.89 0.01 -9.52
N THR A 366 -15.15 0.14 -10.81
CA THR A 366 -14.05 0.16 -11.76
C THR A 366 -14.31 1.23 -12.80
N LEU A 367 -13.22 1.83 -13.24
CA LEU A 367 -13.26 2.78 -14.33
C LEU A 367 -13.30 2.06 -15.66
N GLY A 368 -14.00 2.62 -16.65
CA GLY A 368 -14.02 2.04 -17.98
C GLY A 368 -14.14 3.09 -19.08
N ILE A 369 -13.77 2.70 -20.31
CA ILE A 369 -13.89 3.56 -21.48
C ILE A 369 -15.06 3.00 -22.30
N VAL A 370 -16.00 3.84 -22.73
CA VAL A 370 -17.08 3.37 -23.58
C VAL A 370 -16.56 3.04 -24.97
N THR A 371 -16.73 1.80 -25.39
CA THR A 371 -16.30 1.36 -26.71
C THR A 371 -17.46 1.20 -27.68
N SER A 372 -18.67 1.22 -27.16
CA SER A 372 -19.83 1.08 -28.03
C SER A 372 -21.09 1.65 -27.40
N VAL A 373 -21.87 2.36 -28.20
CA VAL A 373 -23.10 2.97 -27.68
C VAL A 373 -24.32 2.63 -28.55
N LYS A 374 -25.32 2.01 -27.94
CA LYS A 374 -26.61 1.85 -28.61
C LYS A 374 -27.65 2.41 -27.65
N LYS A 375 -28.91 2.41 -28.06
CA LYS A 375 -30.00 2.96 -27.25
C LYS A 375 -30.18 2.21 -25.92
N ASP A 376 -30.19 0.88 -25.98
CA ASP A 376 -30.46 0.07 -24.81
C ASP A 376 -29.21 -0.58 -24.32
N GLU A 377 -28.14 -0.52 -25.11
CA GLU A 377 -26.95 -1.26 -24.75
C GLU A 377 -25.65 -0.49 -24.98
N ILE A 378 -24.70 -0.64 -24.06
CA ILE A 378 -23.34 -0.15 -24.33
C ILE A 378 -22.29 -1.26 -24.14
N GLU A 379 -21.10 -1.04 -24.69
CA GLU A 379 -20.01 -1.95 -24.43
C GLU A 379 -18.91 -1.10 -23.89
N VAL A 380 -18.19 -1.65 -22.93
CA VAL A 380 -17.22 -0.92 -22.15
C VAL A 380 -15.95 -1.71 -21.97
N GLU A 381 -14.84 -0.99 -22.08
CA GLU A 381 -13.51 -1.53 -21.86
C GLU A 381 -13.02 -1.16 -20.48
N LEU A 382 -12.75 -2.16 -19.65
CA LEU A 382 -12.51 -1.82 -18.27
C LEU A 382 -11.03 -1.68 -17.99
N ARG A 383 -10.73 -0.75 -17.11
CA ARG A 383 -9.37 -0.52 -16.67
C ARG A 383 -8.96 -1.70 -15.79
N ARG A 384 -9.97 -2.29 -15.16
CA ARG A 384 -9.76 -3.44 -14.32
C ARG A 384 -10.92 -4.35 -14.55
N PRO A 385 -10.66 -5.65 -14.47
CA PRO A 385 -11.68 -6.65 -14.78
C PRO A 385 -12.71 -6.83 -13.67
N VAL A 386 -13.88 -7.33 -14.04
CA VAL A 386 -14.91 -7.64 -13.07
C VAL A 386 -15.28 -9.11 -13.06
N ALA A 387 -15.55 -9.65 -11.88
CA ALA A 387 -16.04 -11.01 -11.80
C ALA A 387 -17.55 -10.95 -11.96
N VAL A 388 -18.09 -11.61 -12.96
CA VAL A 388 -19.53 -11.59 -13.21
C VAL A 388 -20.12 -12.94 -12.86
N TRP A 389 -20.71 -13.03 -11.68
CA TRP A 389 -21.08 -14.33 -11.11
C TRP A 389 -22.44 -14.83 -11.55
N SER A 390 -23.19 -13.97 -12.24
CA SER A 390 -24.55 -14.27 -12.69
C SER A 390 -24.95 -13.39 -13.86
N ASN A 391 -25.91 -13.85 -14.64
CA ASN A 391 -26.41 -13.03 -15.73
C ASN A 391 -27.27 -11.93 -15.15
N ASN A 392 -27.31 -10.82 -15.87
CA ASN A 392 -28.12 -9.70 -15.45
C ASN A 392 -27.77 -9.25 -14.04
N ILE A 393 -26.48 -9.18 -13.79
CA ILE A 393 -26.03 -8.49 -12.60
C ILE A 393 -26.24 -7.00 -12.78
N ARG A 394 -26.71 -6.34 -11.73
CA ARG A 394 -26.95 -4.90 -11.78
C ARG A 394 -25.64 -4.12 -11.74
N THR A 395 -25.57 -3.05 -12.51
CA THR A 395 -24.43 -2.17 -12.48
C THR A 395 -24.86 -0.71 -12.34
N VAL A 396 -24.07 0.07 -11.63
CA VAL A 396 -24.38 1.48 -11.53
C VAL A 396 -23.42 2.21 -12.43
N ILE A 397 -24.00 3.10 -13.22
CA ILE A 397 -23.22 3.81 -14.21
C ILE A 397 -23.07 5.22 -13.73
N SER A 398 -21.82 5.68 -13.64
CA SER A 398 -21.56 7.02 -13.20
C SER A 398 -20.73 7.86 -14.14
N ARG A 399 -20.97 9.17 -14.10
CA ARG A 399 -20.21 10.08 -14.93
C ARG A 399 -19.65 11.23 -14.09
N GLN A 400 -18.43 11.66 -14.40
CA GLN A 400 -17.85 12.82 -13.72
C GLN A 400 -18.46 14.08 -14.29
N ILE A 401 -19.31 14.69 -13.49
CA ILE A 401 -19.95 15.91 -13.89
C ILE A 401 -19.64 16.98 -12.85
N ALA A 402 -19.25 18.16 -13.34
CA ALA A 402 -18.84 19.29 -12.52
C ALA A 402 -17.74 18.89 -11.56
N GLY A 403 -16.82 18.08 -12.07
CA GLY A 403 -15.70 17.60 -11.30
C GLY A 403 -16.09 16.65 -10.17
N ARG A 404 -17.32 16.18 -10.19
CA ARG A 404 -17.70 15.21 -9.19
C ARG A 404 -18.42 14.07 -9.85
N TRP A 405 -18.06 12.86 -9.43
CA TRP A 405 -18.70 11.64 -9.87
C TRP A 405 -20.14 11.58 -9.42
N ARG A 406 -21.04 11.37 -10.36
CA ARG A 406 -22.47 11.27 -10.07
C ARG A 406 -23.09 10.09 -10.76
N MET A 407 -23.95 9.38 -10.03
CA MET A 407 -24.69 8.26 -10.60
C MET A 407 -25.66 8.77 -11.65
N ILE A 408 -25.48 8.32 -12.89
CA ILE A 408 -26.35 8.77 -13.99
C ILE A 408 -27.33 7.71 -14.53
N GLY A 409 -27.19 6.47 -14.08
CA GLY A 409 -28.14 5.45 -14.50
C GLY A 409 -27.75 4.08 -14.01
N TRP A 410 -28.45 3.07 -14.50
CA TRP A 410 -28.11 1.71 -14.10
C TRP A 410 -28.28 0.75 -15.24
N GLY A 411 -27.77 -0.45 -15.09
CA GLY A 411 -27.96 -1.41 -16.15
C GLY A 411 -27.73 -2.82 -15.72
N LEU A 412 -27.88 -3.73 -16.66
CA LEU A 412 -27.57 -5.13 -16.40
C LEU A 412 -26.47 -5.59 -17.32
N VAL A 413 -25.46 -6.23 -16.75
CA VAL A 413 -24.42 -6.77 -17.59
C VAL A 413 -24.96 -8.03 -18.25
N GLU A 414 -24.88 -8.06 -19.57
CA GLU A 414 -25.45 -9.16 -20.32
C GLU A 414 -24.42 -10.14 -20.87
N ILE A 415 -24.52 -11.39 -20.43
CA ILE A 415 -23.68 -12.45 -20.97
C ILE A 415 -24.52 -13.60 -21.56
N ALA B 2 41.48 -24.28 -3.64
CA ALA B 2 40.26 -23.63 -4.08
C ALA B 2 40.04 -22.26 -3.41
N TRP B 3 39.20 -21.43 -4.03
CA TRP B 3 38.77 -20.16 -3.42
C TRP B 3 37.57 -20.31 -2.49
N PRO B 4 37.59 -19.53 -1.40
CA PRO B 4 36.53 -19.52 -0.38
C PRO B 4 35.25 -18.85 -0.83
N LYS B 5 34.12 -19.23 -0.23
CA LYS B 5 32.88 -18.53 -0.47
C LYS B 5 32.67 -17.54 0.66
N VAL B 6 32.93 -16.26 0.39
CA VAL B 6 32.83 -15.26 1.44
C VAL B 6 31.91 -14.19 0.89
N GLN B 7 31.44 -13.32 1.75
CA GLN B 7 30.63 -12.20 1.33
C GLN B 7 31.51 -11.14 0.72
N PRO B 8 30.92 -10.25 -0.08
CA PRO B 8 31.71 -9.12 -0.54
C PRO B 8 32.12 -8.32 0.68
N GLU B 9 33.27 -7.68 0.64
CA GLU B 9 33.73 -6.96 1.81
C GLU B 9 33.75 -5.46 1.58
N VAL B 10 33.31 -5.03 0.40
CA VAL B 10 33.33 -3.62 0.04
C VAL B 10 32.30 -3.31 -1.03
N ASN B 11 31.69 -2.12 -1.01
CA ASN B 11 30.70 -1.75 -2.03
C ASN B 11 31.26 -0.65 -2.87
N ILE B 12 31.16 -0.81 -4.18
CA ILE B 12 31.71 0.22 -5.03
C ILE B 12 30.64 0.75 -5.92
N GLY B 13 30.32 2.03 -5.73
CA GLY B 13 29.37 2.67 -6.60
C GLY B 13 29.92 2.94 -7.97
N VAL B 14 29.10 2.73 -8.99
CA VAL B 14 29.48 3.12 -10.33
C VAL B 14 28.49 4.14 -10.87
N VAL B 15 28.93 5.38 -11.10
CA VAL B 15 27.96 6.40 -11.49
C VAL B 15 28.39 6.99 -12.81
N GLY B 16 27.47 7.08 -13.75
CA GLY B 16 27.80 7.69 -15.00
C GLY B 16 26.66 8.45 -15.61
N HIS B 17 27.00 9.43 -16.43
CA HIS B 17 26.03 10.14 -17.24
C HIS B 17 25.45 9.05 -18.14
N VAL B 18 26.36 8.17 -18.57
CA VAL B 18 26.12 7.07 -19.49
C VAL B 18 25.03 6.09 -19.05
N ASP B 19 24.13 5.79 -19.97
CA ASP B 19 22.87 5.11 -19.69
C ASP B 19 22.94 3.58 -19.78
N HIS B 20 23.58 3.06 -20.83
CA HIS B 20 24.08 1.69 -20.84
C HIS B 20 25.55 1.61 -20.52
N GLY B 21 26.23 2.76 -20.57
CA GLY B 21 27.67 2.86 -20.41
C GLY B 21 28.07 2.15 -19.13
N LYS B 22 27.67 2.72 -18.02
CA LYS B 22 28.16 2.29 -16.73
C LYS B 22 27.78 0.83 -16.47
N THR B 23 26.57 0.44 -16.85
CA THR B 23 26.08 -0.91 -16.60
C THR B 23 26.85 -1.98 -17.38
N THR B 24 27.12 -1.69 -18.64
CA THR B 24 27.92 -2.58 -19.45
C THR B 24 29.34 -2.59 -18.85
N LEU B 25 29.74 -1.50 -18.21
CA LEU B 25 31.05 -1.46 -17.56
C LEU B 25 31.08 -2.47 -16.42
N VAL B 26 30.12 -2.39 -15.50
CA VAL B 26 30.09 -3.35 -14.41
C VAL B 26 30.05 -4.78 -14.92
N GLN B 27 29.30 -5.01 -15.97
CA GLN B 27 29.26 -6.37 -16.50
C GLN B 27 30.63 -6.78 -17.05
N ALA B 28 31.35 -5.80 -17.59
CA ALA B 28 32.66 -6.06 -18.19
C ALA B 28 33.69 -6.36 -17.14
N ILE B 29 33.51 -5.80 -15.96
CA ILE B 29 34.36 -6.08 -14.83
C ILE B 29 34.03 -7.38 -14.11
N THR B 30 32.75 -7.64 -13.86
CA THR B 30 32.42 -8.72 -12.93
C THR B 30 32.11 -10.04 -13.61
N GLY B 31 31.72 -9.99 -14.86
CA GLY B 31 31.27 -11.19 -15.53
C GLY B 31 29.83 -11.49 -15.22
N ILE B 32 29.23 -10.67 -14.38
CA ILE B 32 27.87 -10.90 -13.94
C ILE B 32 27.03 -9.66 -14.25
N TRP B 33 25.90 -9.91 -14.89
CA TRP B 33 24.89 -8.90 -15.16
C TRP B 33 24.37 -8.28 -13.85
N THR B 34 24.07 -6.98 -13.88
CA THR B 34 23.54 -6.26 -12.70
C THR B 34 22.03 -6.52 -12.52
N LYS B 42 16.00 -18.51 -9.94
CA LYS B 42 15.35 -18.27 -8.67
C LYS B 42 16.35 -17.70 -7.65
N ARG B 43 17.29 -16.89 -8.12
CA ARG B 43 18.42 -16.46 -7.27
C ARG B 43 18.40 -14.96 -6.92
N GLY B 44 18.00 -14.65 -5.70
CA GLY B 44 18.01 -13.29 -5.20
C GLY B 44 17.32 -12.26 -6.08
N MET B 45 15.99 -12.38 -6.17
CA MET B 45 15.16 -11.42 -6.92
C MET B 45 15.33 -10.04 -6.27
N THR B 46 16.22 -9.23 -6.84
CA THR B 46 16.34 -7.80 -6.50
C THR B 46 15.93 -7.16 -7.81
N ILE B 47 14.63 -7.15 -8.10
CA ILE B 47 14.03 -6.35 -9.21
C ILE B 47 14.42 -4.87 -9.15
N LYS B 48 15.07 -4.39 -10.21
CA LYS B 48 15.58 -3.01 -10.35
C LYS B 48 16.54 -2.58 -9.22
N LEU B 49 17.76 -3.11 -9.25
CA LEU B 49 18.81 -2.77 -8.30
C LEU B 49 20.17 -3.13 -8.89
N GLY B 50 20.91 -2.10 -9.26
CA GLY B 50 22.13 -2.24 -10.03
C GLY B 50 23.23 -2.85 -9.19
N TYR B 51 23.04 -4.08 -8.74
CA TYR B 51 24.05 -4.75 -7.91
C TYR B 51 24.72 -5.93 -8.61
N ALA B 52 26.06 -5.99 -8.51
CA ALA B 52 26.84 -7.11 -9.02
C ALA B 52 28.04 -7.41 -8.12
N GLU B 53 28.39 -8.69 -8.01
CA GLU B 53 29.54 -9.11 -7.19
C GLU B 53 30.63 -9.76 -8.01
N THR B 54 31.87 -9.63 -7.54
CA THR B 54 32.95 -10.42 -8.09
C THR B 54 34.07 -10.58 -7.09
N ASN B 55 34.68 -11.74 -7.11
CA ASN B 55 35.94 -11.99 -6.43
C ASN B 55 37.02 -11.24 -7.13
N ILE B 56 38.05 -10.90 -6.37
CA ILE B 56 39.23 -10.28 -6.95
C ILE B 56 40.42 -11.10 -6.44
N GLY B 57 41.33 -11.40 -7.35
CA GLY B 57 42.54 -12.15 -7.08
C GLY B 57 43.67 -11.69 -7.96
N VAL B 58 44.82 -12.31 -7.78
CA VAL B 58 46.01 -11.92 -8.52
C VAL B 58 46.94 -13.09 -8.77
N CYS B 59 47.46 -13.18 -9.98
CA CYS B 59 48.37 -14.26 -10.29
C CYS B 59 49.73 -13.82 -9.84
N GLU B 60 50.21 -14.50 -8.83
CA GLU B 60 51.37 -14.02 -8.11
C GLU B 60 52.63 -14.12 -8.96
N SER B 61 52.65 -15.13 -9.81
CA SER B 61 53.81 -15.37 -10.61
C SER B 61 53.79 -14.68 -11.95
N CYS B 62 52.81 -13.80 -12.12
CA CYS B 62 52.57 -13.13 -13.38
C CYS B 62 52.82 -11.63 -13.22
N LYS B 63 53.10 -10.95 -14.32
CA LYS B 63 53.38 -9.51 -14.28
C LYS B 63 52.14 -8.66 -14.08
N LYS B 64 52.27 -7.62 -13.25
CA LYS B 64 51.19 -6.66 -13.04
C LYS B 64 51.24 -5.63 -14.16
N PRO B 65 50.08 -5.04 -14.52
CA PRO B 65 48.74 -5.17 -13.94
C PRO B 65 47.94 -6.33 -14.50
N GLU B 66 48.44 -6.96 -15.55
CA GLU B 66 47.72 -8.03 -16.23
C GLU B 66 47.42 -9.18 -15.26
N ALA B 67 48.27 -9.31 -14.24
CA ALA B 67 48.15 -10.31 -13.18
C ALA B 67 46.85 -10.23 -12.37
N TYR B 68 46.19 -9.08 -12.39
CA TYR B 68 44.96 -8.94 -11.62
C TYR B 68 43.88 -9.68 -12.40
N VAL B 69 43.07 -10.46 -11.69
CA VAL B 69 42.06 -11.27 -12.35
C VAL B 69 40.75 -11.19 -11.57
N THR B 70 39.64 -11.60 -12.18
CA THR B 70 38.31 -11.63 -11.57
C THR B 70 37.86 -13.06 -11.61
N GLU B 71 38.77 -13.91 -12.06
CA GLU B 71 38.53 -15.32 -12.20
C GLU B 71 39.70 -16.07 -11.59
N PRO B 72 39.46 -17.28 -11.05
CA PRO B 72 40.51 -18.10 -10.42
C PRO B 72 41.36 -18.78 -11.48
N SER B 73 41.97 -17.97 -12.34
CA SER B 73 42.87 -18.41 -13.37
C SER B 73 44.02 -17.42 -13.54
N CYS B 74 45.22 -17.93 -13.78
CA CYS B 74 46.38 -17.09 -14.05
C CYS B 74 46.87 -17.35 -15.47
N LYS B 75 46.00 -17.98 -16.27
CA LYS B 75 46.34 -18.36 -17.64
C LYS B 75 46.77 -17.28 -18.60
N SER B 76 46.31 -16.06 -18.42
CA SER B 76 46.62 -14.99 -19.33
C SER B 76 48.04 -14.47 -19.28
N CYS B 77 48.75 -14.75 -18.19
CA CYS B 77 50.16 -14.39 -18.09
C CYS B 77 51.11 -15.59 -17.96
N GLY B 78 50.67 -16.74 -18.43
CA GLY B 78 51.53 -17.91 -18.58
C GLY B 78 51.87 -18.80 -17.38
N SER B 79 50.96 -18.84 -16.42
CA SER B 79 51.10 -19.69 -15.25
C SER B 79 49.91 -20.65 -15.18
N ASP B 80 50.16 -21.88 -14.75
CA ASP B 80 49.10 -22.86 -14.45
C ASP B 80 48.70 -22.83 -12.97
N ASP B 81 49.30 -21.92 -12.20
CA ASP B 81 49.05 -21.84 -10.75
C ASP B 81 47.79 -21.10 -10.36
N GLU B 82 47.30 -21.41 -9.16
CA GLU B 82 46.09 -20.79 -8.69
C GLU B 82 46.46 -19.43 -8.14
N PRO B 83 45.71 -18.40 -8.56
CA PRO B 83 46.04 -17.05 -8.10
C PRO B 83 45.71 -16.88 -6.62
N LYS B 84 46.30 -15.85 -6.03
CA LYS B 84 46.07 -15.48 -4.66
C LYS B 84 44.70 -14.81 -4.60
N PHE B 85 43.85 -15.20 -3.66
CA PHE B 85 42.56 -14.53 -3.47
C PHE B 85 42.74 -13.24 -2.68
N LEU B 86 42.24 -12.15 -3.21
CA LEU B 86 42.38 -10.87 -2.52
C LEU B 86 41.17 -10.49 -1.69
N ARG B 87 40.05 -10.34 -2.39
CA ARG B 87 38.80 -10.02 -1.75
C ARG B 87 37.65 -10.18 -2.72
N ARG B 88 36.43 -10.20 -2.21
CA ARG B 88 35.25 -10.13 -3.07
C ARG B 88 34.66 -8.74 -3.04
N ILE B 89 34.31 -8.18 -4.19
CA ILE B 89 33.80 -6.82 -4.16
C ILE B 89 32.39 -6.78 -4.77
N SER B 90 31.63 -5.73 -4.46
CA SER B 90 30.36 -5.60 -5.10
C SER B 90 30.26 -4.23 -5.71
N PHE B 91 29.44 -4.15 -6.74
CA PHE B 91 29.24 -2.90 -7.42
C PHE B 91 27.80 -2.47 -7.36
N ILE B 92 27.60 -1.18 -7.16
CA ILE B 92 26.26 -0.59 -7.18
C ILE B 92 26.17 0.47 -8.27
N ASP B 93 25.30 0.25 -9.27
CA ASP B 93 25.12 1.22 -10.36
C ASP B 93 23.67 1.36 -10.88
N ALA B 94 23.21 2.60 -10.99
CA ALA B 94 21.88 2.89 -11.51
C ALA B 94 21.76 2.45 -12.98
N PRO B 95 20.51 2.24 -13.44
CA PRO B 95 20.28 1.94 -14.86
C PRO B 95 19.91 3.15 -15.72
N GLY B 96 20.35 3.15 -16.98
CA GLY B 96 19.90 4.14 -17.95
C GLY B 96 20.22 5.58 -17.62
N HIS B 97 19.35 6.48 -18.08
CA HIS B 97 19.40 7.88 -17.68
C HIS B 97 18.51 8.04 -16.45
N GLU B 98 18.94 7.40 -15.38
CA GLU B 98 18.20 7.26 -14.12
C GLU B 98 17.70 8.56 -13.49
N VAL B 99 16.87 8.39 -12.47
CA VAL B 99 16.57 9.46 -11.54
C VAL B 99 17.29 9.00 -10.26
N LEU B 100 18.63 9.08 -10.30
CA LEU B 100 19.52 8.73 -9.18
C LEU B 100 19.38 9.61 -7.91
N MET B 101 18.47 10.58 -7.96
CA MET B 101 18.43 11.68 -7.00
C MET B 101 18.46 11.25 -5.52
N ALA B 102 17.77 10.16 -5.20
CA ALA B 102 17.58 9.68 -3.82
C ALA B 102 18.33 8.37 -3.67
N THR B 103 18.29 7.57 -4.74
CA THR B 103 18.89 6.24 -4.83
C THR B 103 20.40 6.29 -4.64
N MET B 104 21.02 7.23 -5.33
CA MET B 104 22.45 7.40 -5.20
C MET B 104 22.82 7.85 -3.77
N LEU B 105 22.03 8.71 -3.11
CA LEU B 105 22.39 9.16 -1.74
C LEU B 105 22.43 8.03 -0.69
N SER B 106 21.38 7.22 -0.79
CA SER B 106 21.15 6.08 0.08
C SER B 106 22.26 5.07 -0.18
N GLY B 107 22.58 4.90 -1.46
CA GLY B 107 23.62 3.98 -1.89
C GLY B 107 24.94 4.46 -1.33
N ALA B 108 25.08 5.77 -1.35
CA ALA B 108 26.28 6.49 -0.91
C ALA B 108 26.50 6.22 0.56
N ALA B 109 25.41 6.03 1.29
CA ALA B 109 25.60 5.77 2.70
C ALA B 109 26.42 4.46 2.80
N LEU B 110 26.26 3.61 1.77
CA LEU B 110 26.78 2.25 1.80
C LEU B 110 28.09 2.16 1.03
N MET B 111 28.43 3.22 0.31
CA MET B 111 29.56 3.12 -0.60
C MET B 111 30.80 3.33 0.19
N ASP B 112 31.76 2.46 -0.09
CA ASP B 112 33.09 2.60 0.46
C ASP B 112 33.99 3.29 -0.57
N GLY B 113 33.49 3.37 -1.79
CA GLY B 113 34.26 3.99 -2.84
C GLY B 113 33.31 4.14 -3.99
N ALA B 114 33.81 4.76 -5.05
CA ALA B 114 33.00 4.99 -6.23
C ALA B 114 33.78 4.98 -7.53
N ILE B 115 33.05 4.68 -8.59
CA ILE B 115 33.58 4.84 -9.92
C ILE B 115 32.72 5.83 -10.69
N LEU B 116 33.33 6.89 -11.19
CA LEU B 116 32.61 7.87 -11.99
C LEU B 116 32.92 7.61 -13.43
N VAL B 117 31.89 7.23 -14.18
CA VAL B 117 32.10 6.88 -15.58
C VAL B 117 31.90 8.08 -16.48
N VAL B 118 32.93 8.44 -17.23
CA VAL B 118 32.77 9.48 -18.23
C VAL B 118 33.04 8.96 -19.63
N ALA B 119 32.29 9.49 -20.59
CA ALA B 119 32.48 9.09 -21.95
C ALA B 119 33.64 9.85 -22.54
N ALA B 120 34.62 9.12 -23.07
CA ALA B 120 35.80 9.75 -23.66
C ALA B 120 35.43 10.53 -24.93
N ASN B 121 34.30 10.21 -25.53
CA ASN B 121 33.86 10.83 -26.79
C ASN B 121 32.81 11.91 -26.61
N GLU B 122 32.74 12.46 -25.41
CA GLU B 122 31.84 13.57 -25.14
C GLU B 122 32.60 14.65 -24.41
N PRO B 123 32.18 15.90 -24.65
CA PRO B 123 32.87 17.00 -23.98
C PRO B 123 32.78 16.86 -22.48
N PHE B 124 33.91 17.09 -21.83
CA PHE B 124 33.92 17.00 -20.41
C PHE B 124 33.83 18.40 -19.81
N PRO B 125 32.99 18.58 -18.77
CA PRO B 125 32.07 17.59 -18.19
C PRO B 125 30.64 17.79 -18.69
N GLN B 126 29.94 16.69 -18.97
CA GLN B 126 28.52 16.82 -19.24
C GLN B 126 27.87 17.34 -17.95
N PRO B 127 26.71 18.01 -18.10
CA PRO B 127 26.03 18.57 -16.94
C PRO B 127 25.77 17.63 -15.78
N GLN B 128 25.12 16.50 -16.05
CA GLN B 128 24.88 15.52 -15.02
C GLN B 128 26.12 14.98 -14.38
N THR B 129 27.15 14.80 -15.18
CA THR B 129 28.43 14.33 -14.66
C THR B 129 29.01 15.33 -13.66
N ARG B 130 28.96 16.60 -14.04
CA ARG B 130 29.50 17.64 -13.21
C ARG B 130 28.69 17.66 -11.92
N GLU B 131 27.39 17.60 -12.10
CA GLU B 131 26.42 17.40 -11.02
C GLU B 131 26.74 16.23 -10.04
N HIS B 132 27.05 15.06 -10.60
CA HIS B 132 27.34 13.84 -9.85
C HIS B 132 28.59 14.02 -9.05
N PHE B 133 29.55 14.65 -9.69
CA PHE B 133 30.85 14.89 -9.11
C PHE B 133 30.63 15.77 -7.85
N VAL B 134 29.87 16.85 -8.02
CA VAL B 134 29.51 17.70 -6.88
C VAL B 134 28.84 16.93 -5.75
N ALA B 135 27.85 16.12 -6.12
CA ALA B 135 27.12 15.26 -5.17
C ALA B 135 28.05 14.36 -4.37
N LEU B 136 29.00 13.77 -5.06
CA LEU B 136 30.01 12.90 -4.45
C LEU B 136 30.85 13.65 -3.43
N GLY B 137 31.13 14.92 -3.72
CA GLY B 137 31.86 15.77 -2.81
C GLY B 137 30.98 15.96 -1.60
N ILE B 138 29.70 16.15 -1.87
CA ILE B 138 28.74 16.37 -0.80
C ILE B 138 28.63 15.15 0.10
N ILE B 139 28.55 13.95 -0.46
CA ILE B 139 28.37 12.79 0.39
C ILE B 139 29.68 12.37 1.06
N GLY B 140 30.77 13.04 0.75
CA GLY B 140 32.01 12.71 1.44
C GLY B 140 32.76 11.52 0.93
N VAL B 141 32.36 11.02 -0.22
CA VAL B 141 32.99 9.85 -0.76
C VAL B 141 34.18 10.29 -1.59
N LYS B 142 35.36 10.31 -1.00
CA LYS B 142 36.51 10.81 -1.73
C LYS B 142 37.37 9.66 -2.21
N ASN B 143 37.01 8.43 -1.84
CA ASN B 143 37.67 7.31 -2.48
C ASN B 143 37.09 7.13 -3.88
N LEU B 144 37.65 7.88 -4.82
CA LEU B 144 37.05 7.99 -6.15
C LEU B 144 37.94 7.49 -7.23
N ILE B 145 37.35 6.89 -8.25
CA ILE B 145 38.10 6.61 -9.46
C ILE B 145 37.32 7.16 -10.59
N ILE B 146 37.98 7.90 -11.44
CA ILE B 146 37.30 8.33 -12.62
C ILE B 146 37.67 7.36 -13.72
N VAL B 147 36.67 6.78 -14.34
CA VAL B 147 36.89 5.86 -15.41
C VAL B 147 36.50 6.52 -16.71
N GLN B 148 37.47 6.61 -17.61
CA GLN B 148 37.24 7.07 -18.96
C GLN B 148 36.75 5.95 -19.88
N ASN B 149 35.45 5.85 -20.06
CA ASN B 149 34.91 4.81 -20.90
C ASN B 149 34.98 5.27 -22.36
N LYS B 150 34.89 4.30 -23.27
CA LYS B 150 35.02 4.51 -24.72
C LYS B 150 36.34 5.10 -25.23
N VAL B 151 37.47 4.80 -24.59
CA VAL B 151 38.79 5.27 -25.06
C VAL B 151 39.18 4.61 -26.40
N ASP B 152 38.41 3.62 -26.79
CA ASP B 152 38.68 2.91 -28.03
C ASP B 152 38.15 3.66 -29.23
N VAL B 153 37.35 4.69 -28.99
CA VAL B 153 36.92 5.51 -30.09
C VAL B 153 37.80 6.74 -30.20
N VAL B 154 38.76 6.89 -29.30
CA VAL B 154 39.69 8.00 -29.49
C VAL B 154 41.19 7.58 -29.46
N SER B 155 42.02 8.43 -30.05
CA SER B 155 43.47 8.26 -30.10
C SER B 155 44.05 8.52 -28.74
N LYS B 156 45.34 8.26 -28.56
CA LYS B 156 46.02 8.60 -27.31
C LYS B 156 45.89 10.10 -27.08
N GLU B 157 46.09 10.86 -28.15
CA GLU B 157 46.05 12.32 -28.10
C GLU B 157 44.72 12.92 -27.67
N GLU B 158 43.62 12.38 -28.18
CA GLU B 158 42.30 12.91 -27.87
C GLU B 158 41.97 12.59 -26.40
N ALA B 159 42.36 11.38 -26.01
CA ALA B 159 42.23 10.88 -24.63
C ALA B 159 43.02 11.76 -23.68
N LEU B 160 44.20 12.15 -24.13
CA LEU B 160 45.05 13.00 -23.33
C LEU B 160 44.39 14.39 -23.18
N SER B 161 43.78 14.91 -24.25
CA SER B 161 43.02 16.17 -24.16
C SER B 161 41.90 16.17 -23.13
N GLN B 162 41.05 15.15 -23.20
CA GLN B 162 39.96 15.06 -22.25
C GLN B 162 40.49 14.83 -20.85
N TYR B 163 41.54 14.03 -20.76
CA TYR B 163 42.23 13.79 -19.51
C TYR B 163 42.59 15.12 -18.87
N ARG B 164 43.20 15.99 -19.67
CA ARG B 164 43.62 17.32 -19.22
C ARG B 164 42.44 18.18 -18.79
N GLN B 165 41.33 18.13 -19.53
CA GLN B 165 40.15 18.86 -19.08
C GLN B 165 39.71 18.36 -17.73
N ILE B 166 39.78 17.06 -17.53
CA ILE B 166 39.39 16.48 -16.27
C ILE B 166 40.30 16.90 -15.12
N LYS B 167 41.61 16.85 -15.36
CA LYS B 167 42.57 17.29 -14.36
C LYS B 167 42.38 18.76 -14.01
N GLN B 168 42.13 19.58 -15.02
CA GLN B 168 41.86 20.99 -14.81
C GLN B 168 40.58 21.19 -13.99
N PHE B 169 39.59 20.37 -14.29
CA PHE B 169 38.30 20.42 -13.62
C PHE B 169 38.32 19.98 -12.15
N THR B 170 39.11 18.98 -11.83
CA THR B 170 39.22 18.44 -10.48
C THR B 170 40.17 19.18 -9.56
N LYS B 171 41.01 20.02 -10.14
CA LYS B 171 42.02 20.74 -9.38
C LYS B 171 41.35 21.62 -8.36
N GLY B 172 41.90 21.60 -7.13
CA GLY B 172 41.33 22.37 -6.04
C GLY B 172 40.27 21.60 -5.27
N THR B 173 39.72 20.55 -5.88
CA THR B 173 38.71 19.69 -5.24
C THR B 173 39.34 18.51 -4.48
N TRP B 174 38.50 17.73 -3.80
CA TRP B 174 38.96 16.54 -3.07
C TRP B 174 39.53 15.52 -4.04
N ALA B 175 39.16 15.65 -5.31
CA ALA B 175 39.61 14.72 -6.32
C ALA B 175 40.77 15.26 -7.10
N GLU B 176 41.47 16.22 -6.50
CA GLU B 176 42.57 16.85 -7.18
C GLU B 176 43.56 15.75 -7.58
N ASN B 177 43.72 14.78 -6.69
CA ASN B 177 44.69 13.71 -6.91
C ASN B 177 44.02 12.38 -7.24
N VAL B 178 42.71 12.38 -7.48
CA VAL B 178 42.01 11.14 -7.83
C VAL B 178 42.47 10.67 -9.19
N PRO B 179 42.83 9.38 -9.29
CA PRO B 179 43.33 8.79 -10.53
C PRO B 179 42.26 8.69 -11.59
N ILE B 180 42.71 8.74 -12.84
CA ILE B 180 41.86 8.57 -14.01
C ILE B 180 42.31 7.33 -14.78
N ILE B 181 41.40 6.38 -15.00
CA ILE B 181 41.74 5.10 -15.64
C ILE B 181 40.90 4.93 -16.90
N PRO B 182 41.57 4.88 -18.06
CA PRO B 182 40.93 4.70 -19.38
C PRO B 182 40.57 3.24 -19.67
N VAL B 183 39.34 2.99 -20.11
CA VAL B 183 38.94 1.65 -20.53
C VAL B 183 37.90 1.65 -21.65
N SER B 184 37.74 0.49 -22.29
CA SER B 184 36.56 0.28 -23.15
C SER B 184 35.77 -0.81 -22.52
N ALA B 185 34.57 -0.46 -22.08
CA ALA B 185 33.70 -1.42 -21.43
C ALA B 185 33.14 -2.41 -22.43
N LEU B 186 32.75 -1.92 -23.58
CA LEU B 186 32.12 -2.78 -24.55
C LEU B 186 33.06 -3.86 -25.04
N HIS B 187 34.29 -3.49 -25.34
CA HIS B 187 35.27 -4.43 -25.88
C HIS B 187 36.24 -4.93 -24.82
N LYS B 188 35.99 -4.55 -23.58
CA LYS B 188 36.80 -4.99 -22.46
C LYS B 188 38.28 -4.69 -22.65
N ILE B 189 38.57 -3.41 -22.87
CA ILE B 189 39.94 -2.95 -22.98
C ILE B 189 40.46 -2.28 -21.71
N ASN B 190 41.61 -2.74 -21.25
CA ASN B 190 42.33 -2.16 -20.14
C ASN B 190 41.55 -2.26 -18.85
N ILE B 191 40.67 -3.25 -18.77
CA ILE B 191 39.84 -3.53 -17.59
C ILE B 191 40.69 -3.91 -16.39
N ASP B 192 41.73 -4.68 -16.66
CA ASP B 192 42.62 -5.13 -15.60
C ASP B 192 43.31 -3.94 -14.90
N SER B 193 43.54 -2.85 -15.64
CA SER B 193 44.09 -1.61 -15.05
C SER B 193 43.13 -0.98 -14.04
N LEU B 194 41.85 -1.10 -14.37
CA LEU B 194 40.80 -0.63 -13.51
C LEU B 194 40.75 -1.52 -12.30
N ILE B 195 40.93 -2.80 -12.51
CA ILE B 195 41.00 -3.72 -11.39
C ILE B 195 42.18 -3.39 -10.47
N GLU B 196 43.34 -3.13 -11.05
CA GLU B 196 44.50 -2.70 -10.28
C GLU B 196 44.18 -1.45 -9.51
N GLY B 197 43.52 -0.52 -10.18
CA GLY B 197 43.11 0.71 -9.56
C GLY B 197 42.19 0.49 -8.38
N ILE B 198 41.26 -0.44 -8.53
CA ILE B 198 40.37 -0.77 -7.44
C ILE B 198 41.14 -1.37 -6.26
N GLU B 199 42.13 -2.23 -6.53
CA GLU B 199 42.92 -2.73 -5.39
C GLU B 199 43.79 -1.68 -4.69
N GLU B 200 44.37 -0.77 -5.45
CA GLU B 200 45.28 0.17 -4.83
C GLU B 200 44.56 1.37 -4.22
N TYR B 201 43.44 1.78 -4.80
CA TYR B 201 42.81 3.01 -4.36
C TYR B 201 41.49 2.85 -3.58
N ILE B 202 40.87 1.66 -3.64
CA ILE B 202 39.67 1.41 -2.84
C ILE B 202 39.86 0.18 -1.96
N LYS B 203 40.82 0.25 -1.04
CA LYS B 203 41.06 -0.85 -0.11
C LYS B 203 39.89 -1.02 0.83
N THR B 204 39.69 -2.23 1.30
CA THR B 204 38.63 -2.46 2.28
C THR B 204 39.00 -1.76 3.58
N PRO B 205 38.09 -0.90 4.07
CA PRO B 205 38.30 -0.16 5.32
C PRO B 205 38.44 -1.10 6.52
N TYR B 206 39.10 -0.59 7.56
CA TYR B 206 39.17 -1.30 8.83
C TYR B 206 37.77 -1.46 9.39
N ARG B 207 37.48 -2.65 9.88
CA ARG B 207 36.19 -2.94 10.48
C ARG B 207 36.40 -3.32 11.93
N ASP B 208 35.81 -2.53 12.81
CA ASP B 208 35.79 -2.81 14.21
C ASP B 208 34.50 -3.58 14.52
N LEU B 209 34.60 -4.90 14.69
CA LEU B 209 33.38 -5.70 14.80
C LEU B 209 32.82 -5.73 16.21
N SER B 210 33.38 -4.89 17.08
CA SER B 210 32.81 -4.67 18.41
C SER B 210 31.73 -3.58 18.37
N GLN B 211 31.70 -2.79 17.29
CA GLN B 211 30.69 -1.76 17.14
C GLN B 211 29.31 -2.41 17.16
N LYS B 212 28.31 -1.68 17.65
CA LYS B 212 26.93 -2.18 17.69
C LYS B 212 26.47 -2.48 16.28
N PRO B 213 25.87 -3.65 16.11
CA PRO B 213 25.44 -4.03 14.77
C PRO B 213 24.41 -3.05 14.27
N VAL B 214 24.65 -2.48 13.11
CA VAL B 214 23.67 -1.61 12.49
C VAL B 214 23.57 -1.96 11.02
N MET B 215 22.32 -2.16 10.57
CA MET B 215 22.04 -2.44 9.16
C MET B 215 21.07 -1.44 8.61
N LEU B 216 21.35 -0.94 7.42
CA LEU B 216 20.43 -0.04 6.78
C LEU B 216 19.50 -0.87 5.92
N VAL B 217 18.19 -0.70 6.06
CA VAL B 217 17.29 -1.49 5.24
C VAL B 217 16.91 -0.70 4.01
N ILE B 218 17.11 -1.31 2.85
CA ILE B 218 16.83 -0.68 1.57
C ILE B 218 15.81 -1.44 0.73
N ARG B 219 15.50 -2.67 1.14
CA ARG B 219 14.43 -3.47 0.53
C ARG B 219 13.76 -4.34 1.59
N SER B 220 12.50 -4.70 1.39
CA SER B 220 11.89 -5.78 2.16
C SER B 220 10.91 -6.50 1.27
N PHE B 221 10.76 -7.81 1.46
CA PHE B 221 9.94 -8.54 0.49
C PHE B 221 9.03 -9.52 1.19
N ASP B 222 7.91 -9.77 0.56
CA ASP B 222 7.20 -10.96 0.94
C ASP B 222 7.60 -12.00 -0.09
N VAL B 223 8.36 -12.99 0.36
CA VAL B 223 8.95 -13.97 -0.54
C VAL B 223 8.08 -15.19 -0.82
N ASN B 224 6.92 -15.25 -0.18
CA ASN B 224 6.05 -16.38 -0.39
C ASN B 224 5.43 -16.25 -1.74
N LYS B 225 5.59 -17.31 -2.52
CA LYS B 225 4.99 -17.33 -3.83
C LYS B 225 3.51 -17.59 -3.69
N PRO B 226 2.73 -17.17 -4.67
CA PRO B 226 1.31 -17.49 -4.70
C PRO B 226 1.05 -19.00 -4.71
N GLY B 227 0.10 -19.40 -3.90
CA GLY B 227 -0.25 -20.79 -3.74
C GLY B 227 0.50 -21.44 -2.62
N THR B 228 1.40 -20.71 -1.97
CA THR B 228 2.09 -21.28 -0.83
C THR B 228 1.09 -21.68 0.27
N GLN B 229 1.20 -22.92 0.75
CA GLN B 229 0.37 -23.43 1.84
C GLN B 229 0.74 -22.72 3.10
N PHE B 230 -0.25 -22.43 3.92
CA PHE B 230 -0.02 -21.60 5.08
C PHE B 230 1.04 -22.09 6.07
N ASN B 231 1.11 -23.40 6.34
CA ASN B 231 2.10 -23.90 7.29
C ASN B 231 3.51 -23.97 6.68
N GLU B 232 3.59 -23.64 5.39
CA GLU B 232 4.84 -23.58 4.66
C GLU B 232 5.24 -22.15 4.29
N LEU B 233 4.53 -21.16 4.81
CA LEU B 233 4.86 -19.76 4.54
C LEU B 233 6.23 -19.38 5.08
N LYS B 234 7.01 -18.67 4.29
CA LYS B 234 8.29 -18.14 4.77
C LYS B 234 8.07 -16.75 5.30
N GLY B 235 8.84 -16.34 6.31
CA GLY B 235 8.74 -15.00 6.84
C GLY B 235 9.22 -13.88 5.93
N GLY B 236 8.96 -12.64 6.31
CA GLY B 236 9.40 -11.52 5.51
C GLY B 236 10.91 -11.51 5.35
N VAL B 237 11.39 -10.94 4.26
CA VAL B 237 12.83 -10.83 4.00
C VAL B 237 13.21 -9.39 3.92
N ILE B 238 14.33 -9.06 4.54
CA ILE B 238 14.74 -7.70 4.54
C ILE B 238 16.09 -7.63 3.85
N GLY B 239 16.16 -6.79 2.83
CA GLY B 239 17.39 -6.62 2.10
C GLY B 239 18.03 -5.29 2.41
N GLY B 240 19.31 -5.30 2.69
CA GLY B 240 20.00 -4.07 2.95
C GLY B 240 21.49 -4.26 2.94
N SER B 241 22.16 -3.31 3.55
CA SER B 241 23.60 -3.29 3.60
C SER B 241 23.98 -3.02 5.04
N ILE B 242 24.81 -3.89 5.59
CA ILE B 242 25.26 -3.72 6.95
C ILE B 242 26.35 -2.68 6.95
N ILE B 243 26.21 -1.68 7.82
CA ILE B 243 27.15 -0.58 7.81
C ILE B 243 28.09 -0.70 9.02
N GLN B 244 27.71 -1.46 10.04
CA GLN B 244 28.73 -1.66 11.10
C GLN B 244 28.42 -2.91 11.92
N GLY B 245 29.44 -3.47 12.54
CA GLY B 245 29.25 -4.63 13.40
C GLY B 245 28.95 -5.85 12.55
N LEU B 246 28.36 -6.87 13.15
CA LEU B 246 27.97 -8.05 12.39
C LEU B 246 26.73 -8.66 13.00
N PHE B 247 25.92 -9.26 12.15
CA PHE B 247 24.69 -9.93 12.56
C PHE B 247 24.93 -11.40 12.38
N LYS B 248 24.20 -12.21 13.12
CA LYS B 248 24.35 -13.66 13.02
C LYS B 248 22.98 -14.27 12.85
N VAL B 249 22.92 -15.40 12.19
CA VAL B 249 21.70 -16.16 12.10
C VAL B 249 21.22 -16.46 13.50
N ASP B 250 19.91 -16.37 13.72
CA ASP B 250 19.24 -16.61 15.02
C ASP B 250 19.37 -15.50 16.03
N GLN B 251 20.07 -14.43 15.65
CA GLN B 251 20.13 -13.27 16.53
C GLN B 251 18.78 -12.57 16.58
N GLU B 252 18.45 -12.07 17.77
CA GLU B 252 17.30 -11.21 17.99
C GLU B 252 17.61 -9.78 17.58
N ILE B 253 16.77 -9.23 16.72
CA ILE B 253 16.96 -7.89 16.22
C ILE B 253 15.67 -7.08 16.31
N LYS B 254 15.80 -5.80 16.02
CA LYS B 254 14.65 -4.95 15.91
C LYS B 254 14.83 -3.99 14.77
N VAL B 255 13.71 -3.60 14.22
CA VAL B 255 13.63 -2.67 13.12
C VAL B 255 13.23 -1.34 13.66
N LEU B 256 14.02 -0.35 13.29
CA LEU B 256 13.81 0.96 13.83
C LEU B 256 13.72 1.96 12.72
N PRO B 257 12.89 2.98 12.89
CA PRO B 257 12.00 3.26 14.03
C PRO B 257 10.94 2.17 14.24
N GLY B 258 10.60 1.47 13.16
CA GLY B 258 9.75 0.31 13.28
C GLY B 258 8.47 0.58 12.56
N LEU B 259 7.36 0.17 13.17
CA LEU B 259 6.04 0.24 12.57
C LEU B 259 5.31 1.51 12.86
N ARG B 260 4.84 2.13 11.79
CA ARG B 260 4.02 3.32 11.89
C ARG B 260 2.66 2.92 12.32
N VAL B 261 2.25 3.45 13.45
CA VAL B 261 0.94 3.14 13.98
C VAL B 261 0.13 4.41 14.06
N GLU B 262 -1.04 4.35 13.44
CA GLU B 262 -1.97 5.46 13.47
C GLU B 262 -3.19 5.12 14.33
N LYS B 263 -3.32 5.77 15.49
CA LYS B 263 -4.57 5.77 16.20
C LYS B 263 -5.30 6.85 15.45
N GLN B 264 -6.63 6.90 15.50
CA GLN B 264 -7.31 7.89 14.68
C GLN B 264 -6.83 9.29 15.12
N GLY B 265 -6.29 10.06 14.19
CA GLY B 265 -5.77 11.39 14.50
C GLY B 265 -4.61 11.39 15.48
N LYS B 266 -3.74 10.37 15.40
CA LYS B 266 -2.57 10.27 16.29
C LYS B 266 -1.42 9.57 15.55
N VAL B 267 -0.16 9.89 15.86
CA VAL B 267 0.93 9.15 15.21
C VAL B 267 2.08 8.79 16.17
N SER B 268 2.66 7.61 15.98
CA SER B 268 3.81 7.14 16.76
C SER B 268 4.41 5.91 16.07
N TYR B 269 5.59 5.52 16.51
CA TYR B 269 6.28 4.37 15.95
C TYR B 269 6.65 3.34 17.00
N GLU B 270 6.31 2.11 16.72
CA GLU B 270 6.61 1.06 17.66
C GLU B 270 7.61 0.15 16.99
N PRO B 271 8.76 -0.05 17.64
CA PRO B 271 9.88 -0.87 17.18
C PRO B 271 9.42 -2.23 16.74
N ILE B 272 10.01 -2.78 15.69
CA ILE B 272 9.59 -4.12 15.28
C ILE B 272 10.57 -5.22 15.67
N PHE B 273 10.13 -6.15 16.53
CA PHE B 273 11.03 -7.19 17.01
C PHE B 273 10.95 -8.47 16.20
N THR B 274 12.10 -9.02 15.87
CA THR B 274 12.10 -10.30 15.18
C THR B 274 13.44 -11.00 15.45
N LYS B 275 13.63 -12.14 14.79
CA LYS B 275 14.82 -12.95 14.94
C LYS B 275 15.30 -13.20 13.53
N ILE B 276 16.61 -13.27 13.33
CA ILE B 276 17.12 -13.57 12.00
C ILE B 276 16.97 -15.05 11.69
N SER B 277 16.26 -15.38 10.62
CA SER B 277 16.10 -16.78 10.25
C SER B 277 17.13 -17.18 9.21
N SER B 278 17.59 -16.24 8.38
CA SER B 278 18.56 -16.64 7.34
C SER B 278 19.36 -15.46 6.82
N ILE B 279 20.58 -15.76 6.38
CA ILE B 279 21.41 -14.72 5.82
C ILE B 279 21.85 -15.19 4.44
N ARG B 280 21.68 -14.31 3.45
CA ARG B 280 21.99 -14.64 2.08
C ARG B 280 22.69 -13.49 1.42
N PHE B 281 23.77 -13.75 0.71
CA PHE B 281 24.36 -12.74 -0.17
C PHE B 281 24.23 -13.22 -1.61
N GLY B 282 23.41 -12.53 -2.40
CA GLY B 282 23.12 -13.01 -3.73
C GLY B 282 22.36 -14.31 -3.57
N ASP B 283 22.95 -15.40 -4.04
CA ASP B 283 22.33 -16.71 -3.90
C ASP B 283 23.10 -17.65 -2.98
N GLU B 284 24.06 -17.13 -2.21
CA GLU B 284 24.80 -17.97 -1.25
C GLU B 284 24.30 -17.74 0.19
N GLU B 285 24.06 -18.80 0.94
CA GLU B 285 23.66 -18.62 2.34
C GLU B 285 24.85 -18.63 3.33
N PHE B 286 24.78 -17.78 4.35
CA PHE B 286 25.80 -17.68 5.41
C PHE B 286 25.22 -17.70 6.82
N LYS B 287 26.12 -17.95 7.77
CA LYS B 287 25.75 -18.02 9.18
C LYS B 287 25.86 -16.61 9.80
N GLU B 288 26.63 -15.72 9.19
CA GLU B 288 26.73 -14.37 9.73
C GLU B 288 26.87 -13.36 8.59
N ALA B 289 26.61 -12.10 8.87
CA ALA B 289 26.65 -11.06 7.87
C ALA B 289 27.33 -9.83 8.45
N LYS B 290 28.29 -9.34 7.70
CA LYS B 290 29.18 -8.23 8.05
C LYS B 290 29.01 -7.12 7.01
N PRO B 291 29.64 -5.97 7.22
CA PRO B 291 29.58 -4.88 6.23
C PRO B 291 30.05 -5.25 4.81
N GLY B 292 29.50 -4.59 3.80
CA GLY B 292 29.81 -4.93 2.43
C GLY B 292 28.71 -5.73 1.75
N GLY B 293 28.35 -5.29 0.54
CA GLY B 293 27.36 -6.00 -0.24
C GLY B 293 25.95 -5.75 0.23
N LEU B 294 24.99 -6.15 -0.58
CA LEU B 294 23.62 -6.08 -0.17
C LEU B 294 23.22 -7.45 0.32
N VAL B 295 22.66 -7.53 1.53
CA VAL B 295 22.29 -8.81 2.13
C VAL B 295 20.78 -9.03 2.19
N ALA B 296 20.36 -10.28 2.03
CA ALA B 296 18.97 -10.65 2.24
C ALA B 296 18.86 -11.44 3.51
N ILE B 297 18.01 -10.94 4.38
CA ILE B 297 17.88 -11.55 5.67
C ILE B 297 16.48 -12.07 5.85
N GLY B 298 16.35 -13.38 5.97
CA GLY B 298 15.05 -13.94 6.24
C GLY B 298 14.82 -13.67 7.69
N THR B 299 13.55 -13.37 8.03
CA THR B 299 13.12 -13.06 9.39
C THR B 299 11.90 -13.90 9.76
N TYR B 300 11.39 -13.69 10.96
CA TYR B 300 10.15 -14.33 11.42
C TYR B 300 9.02 -13.31 11.39
N LEU B 301 9.15 -12.31 10.51
CA LEU B 301 8.12 -11.31 10.50
C LEU B 301 6.98 -11.77 9.66
N ASP B 302 5.78 -11.44 10.12
CA ASP B 302 4.56 -11.46 9.30
C ASP B 302 4.89 -10.70 7.99
N PRO B 303 4.80 -11.39 6.85
CA PRO B 303 5.21 -10.78 5.58
C PRO B 303 4.47 -9.54 5.20
N SER B 304 3.31 -9.32 5.78
CA SER B 304 2.60 -8.06 5.55
C SER B 304 3.48 -6.87 5.96
N LEU B 305 4.36 -7.09 6.94
CA LEU B 305 5.19 -6.00 7.47
C LEU B 305 6.35 -5.64 6.55
N THR B 306 6.74 -6.61 5.73
CA THR B 306 7.89 -6.46 4.85
C THR B 306 7.41 -6.36 3.41
N LYS B 307 6.18 -6.81 3.17
CA LYS B 307 5.57 -6.84 1.84
C LYS B 307 5.84 -5.54 1.10
N ALA B 308 6.36 -5.66 -0.12
CA ALA B 308 6.50 -4.54 -1.03
C ALA B 308 7.34 -3.39 -0.47
N ASP B 309 8.52 -3.69 0.09
CA ASP B 309 9.43 -2.66 0.60
C ASP B 309 8.84 -1.74 1.68
N ASN B 310 7.87 -2.25 2.43
CA ASN B 310 7.25 -1.49 3.52
C ASN B 310 8.19 -0.85 4.55
N LEU B 311 9.31 -1.53 4.76
CA LEU B 311 10.29 -1.23 5.77
C LEU B 311 11.47 -0.47 5.23
N LEU B 312 11.41 -0.14 3.96
CA LEU B 312 12.44 0.68 3.33
C LEU B 312 12.73 1.92 4.15
N GLY B 313 14.01 2.15 4.40
CA GLY B 313 14.43 3.31 5.14
C GLY B 313 14.60 3.07 6.63
N SER B 314 14.21 1.89 7.10
CA SER B 314 14.40 1.56 8.51
C SER B 314 15.84 1.16 8.73
N ILE B 315 16.23 1.02 9.99
CA ILE B 315 17.47 0.33 10.28
C ILE B 315 17.17 -0.86 11.14
N ILE B 316 18.10 -1.76 11.21
CA ILE B 316 17.97 -2.91 12.06
C ILE B 316 19.15 -2.94 13.00
N THR B 317 18.88 -3.22 14.27
CA THR B 317 19.99 -3.38 15.20
C THR B 317 19.64 -4.62 15.99
N LEU B 318 20.54 -5.06 16.87
CA LEU B 318 20.20 -6.13 17.78
C LEU B 318 19.10 -5.71 18.72
N ALA B 319 18.35 -6.69 19.22
CA ALA B 319 17.18 -6.41 20.05
C ALA B 319 17.53 -5.59 21.29
N ASP B 320 18.73 -5.82 21.82
CA ASP B 320 19.13 -5.19 23.07
C ASP B 320 19.95 -3.93 22.83
N ALA B 321 20.05 -3.53 21.58
CA ALA B 321 20.74 -2.29 21.22
C ALA B 321 20.04 -1.06 21.76
N GLU B 322 20.81 -0.07 22.17
CA GLU B 322 20.25 1.19 22.63
C GLU B 322 20.40 2.15 21.51
N VAL B 323 19.28 2.48 20.89
CA VAL B 323 19.30 3.32 19.71
C VAL B 323 18.22 4.39 19.81
N PRO B 324 18.65 5.64 19.80
CA PRO B 324 17.70 6.76 19.86
C PRO B 324 16.83 6.80 18.61
N VAL B 325 15.53 6.92 18.80
CA VAL B 325 14.62 7.12 17.70
C VAL B 325 14.07 8.53 17.85
N LEU B 326 14.40 9.44 16.95
CA LEU B 326 14.22 10.85 17.27
C LEU B 326 13.29 11.52 16.29
N TRP B 327 12.34 12.29 16.80
CA TRP B 327 11.38 13.01 15.96
C TRP B 327 11.83 14.41 15.71
N ASN B 328 12.84 14.79 16.46
CA ASN B 328 13.44 16.09 16.35
C ASN B 328 14.95 15.91 16.34
N ILE B 329 15.65 16.54 15.39
CA ILE B 329 17.10 16.36 15.35
C ILE B 329 17.85 17.67 15.15
N ARG B 330 19.06 17.71 15.68
CA ARG B 330 19.93 18.86 15.52
C ARG B 330 20.98 18.46 14.51
N ILE B 331 21.29 19.33 13.57
CA ILE B 331 22.16 19.00 12.47
C ILE B 331 23.18 20.09 12.32
N LYS B 332 24.46 19.72 12.34
CA LYS B 332 25.51 20.68 12.04
C LYS B 332 25.68 20.67 10.54
N TYR B 333 25.36 21.78 9.89
CA TYR B 333 25.18 21.71 8.47
C TYR B 333 26.17 22.64 7.78
N ASN B 334 26.28 22.42 6.48
CA ASN B 334 27.10 23.21 5.56
C ASN B 334 26.31 23.27 4.26
N LEU B 335 26.00 24.47 3.79
CA LEU B 335 25.25 24.66 2.53
C LEU B 335 26.17 24.93 1.35
N LEU B 336 25.73 24.51 0.18
CA LEU B 336 26.40 24.88 -1.06
C LEU B 336 26.17 26.36 -1.37
N GLU B 337 27.18 26.96 -1.99
CA GLU B 337 27.07 28.32 -2.50
C GLU B 337 25.96 28.41 -3.55
N ARG B 338 25.89 27.41 -4.43
CA ARG B 338 24.84 27.40 -5.44
C ARG B 338 24.51 26.03 -6.03
N VAL B 339 23.37 26.00 -6.71
CA VAL B 339 22.74 24.81 -7.24
C VAL B 339 22.61 24.94 -8.75
N VAL B 340 22.89 23.87 -9.47
CA VAL B 340 22.79 23.95 -10.91
C VAL B 340 21.31 24.21 -11.18
N GLY B 341 21.06 25.18 -12.05
CA GLY B 341 19.70 25.58 -12.34
C GLY B 341 18.88 24.97 -13.44
N ALA B 342 18.11 25.83 -14.11
CA ALA B 342 17.45 25.46 -15.35
C ALA B 342 18.10 26.13 -16.50
N LYS B 343 17.75 27.38 -16.77
CA LYS B 343 18.46 28.01 -17.89
C LYS B 343 19.47 28.94 -17.22
N GLU B 344 19.48 28.96 -15.88
CA GLU B 344 20.38 29.86 -15.16
C GLU B 344 21.00 29.22 -13.91
N MET B 345 22.13 29.74 -13.42
CA MET B 345 22.65 29.30 -12.12
C MET B 345 21.73 29.76 -11.03
N LEU B 346 21.55 28.97 -9.98
CA LEU B 346 20.55 29.36 -9.01
C LEU B 346 21.19 29.47 -7.66
N LYS B 347 20.85 30.57 -7.00
CA LYS B 347 21.37 30.93 -5.70
C LYS B 347 20.76 30.03 -4.63
N VAL B 348 21.56 29.62 -3.65
CA VAL B 348 21.04 28.82 -2.54
C VAL B 348 20.73 29.75 -1.42
N ASP B 349 19.44 29.99 -1.25
CA ASP B 349 18.99 30.79 -0.14
C ASP B 349 19.35 30.05 1.15
N PRO B 350 19.74 30.81 2.18
CA PRO B 350 19.99 30.22 3.49
C PRO B 350 18.73 29.57 4.01
N ILE B 351 18.93 28.62 4.92
CA ILE B 351 17.83 27.87 5.48
C ILE B 351 16.92 28.86 6.19
N ARG B 352 15.62 28.64 6.15
CA ARG B 352 14.70 29.53 6.85
C ARG B 352 13.75 28.77 7.78
N ALA B 353 13.43 29.36 8.93
CA ALA B 353 12.50 28.72 9.83
C ALA B 353 11.09 28.55 9.23
N LYS B 354 10.50 27.40 9.56
CA LYS B 354 9.14 26.99 9.19
C LYS B 354 9.13 26.43 7.78
N GLU B 355 10.27 26.51 7.11
CA GLU B 355 10.39 25.96 5.79
C GLU B 355 10.59 24.47 5.89
N THR B 356 10.21 23.77 4.84
CA THR B 356 10.34 22.32 4.81
C THR B 356 11.60 21.85 4.04
N LEU B 357 12.38 20.98 4.67
CA LEU B 357 13.54 20.36 4.02
C LEU B 357 13.40 18.83 3.96
N MET B 358 14.13 18.24 3.03
CA MET B 358 14.28 16.81 3.00
C MET B 358 15.63 16.37 3.51
N LEU B 359 15.62 15.44 4.44
CA LEU B 359 16.86 14.98 5.00
C LEU B 359 17.07 13.52 4.69
N SER B 360 18.22 13.23 4.08
CA SER B 360 18.61 11.86 3.83
C SER B 360 19.61 11.44 4.90
N VAL B 361 19.29 10.37 5.59
CA VAL B 361 20.17 9.81 6.59
C VAL B 361 20.31 8.33 6.38
N GLY B 362 21.51 7.85 6.12
CA GLY B 362 21.66 6.46 5.77
C GLY B 362 20.76 6.16 4.59
N SER B 363 19.92 5.12 4.70
CA SER B 363 19.01 4.75 3.61
C SER B 363 17.66 5.42 3.73
N SER B 364 17.51 6.27 4.75
CA SER B 364 16.22 6.93 4.96
C SER B 364 16.15 8.31 4.37
N THR B 365 14.92 8.74 4.15
CA THR B 365 14.64 10.06 3.63
C THR B 365 13.37 10.52 4.31
N THR B 366 13.44 11.65 5.00
CA THR B 366 12.26 12.07 5.73
C THR B 366 12.13 13.58 5.55
N LEU B 367 10.90 14.03 5.49
CA LEU B 367 10.65 15.45 5.46
C LEU B 367 10.70 16.01 6.90
N GLY B 368 11.18 17.24 7.04
CA GLY B 368 11.17 17.88 8.34
C GLY B 368 10.95 19.37 8.18
N ILE B 369 10.51 20.02 9.25
CA ILE B 369 10.29 21.46 9.28
C ILE B 369 11.41 22.08 10.10
N VAL B 370 12.02 23.12 9.58
CA VAL B 370 13.07 23.79 10.34
C VAL B 370 12.52 24.57 11.53
N THR B 371 12.99 24.22 12.73
CA THR B 371 12.59 24.90 13.97
C THR B 371 13.62 25.86 14.59
N SER B 372 14.86 25.76 14.11
CA SER B 372 15.95 26.60 14.59
C SER B 372 17.08 26.73 13.59
N VAL B 373 17.60 27.94 13.43
CA VAL B 373 18.67 28.19 12.48
C VAL B 373 19.84 28.93 13.15
N LYS B 374 21.02 28.34 13.08
CA LYS B 374 22.22 29.01 13.50
C LYS B 374 23.19 28.95 12.33
N LYS B 375 24.36 29.54 12.50
CA LYS B 375 25.35 29.57 11.43
C LYS B 375 25.80 28.17 11.02
N ASP B 376 26.09 27.33 12.01
CA ASP B 376 26.63 26.01 11.77
C ASP B 376 25.64 24.90 12.01
N GLU B 377 24.50 25.24 12.62
CA GLU B 377 23.52 24.26 13.05
C GLU B 377 22.07 24.64 12.78
N ILE B 378 21.29 23.63 12.43
CA ILE B 378 19.85 23.79 12.36
C ILE B 378 19.15 22.74 13.24
N GLU B 379 17.87 22.99 13.54
CA GLU B 379 17.07 22.01 14.26
C GLU B 379 15.83 21.70 13.42
N VAL B 380 15.41 20.44 13.44
CA VAL B 380 14.37 19.99 12.53
C VAL B 380 13.34 19.11 13.22
N GLU B 381 12.07 19.33 12.86
CA GLU B 381 10.96 18.52 13.30
C GLU B 381 10.59 17.57 12.19
N LEU B 382 10.68 16.27 12.43
CA LEU B 382 10.57 15.31 11.35
C LEU B 382 9.18 14.76 11.19
N ARG B 383 8.79 14.47 9.95
CA ARG B 383 7.47 13.89 9.76
C ARG B 383 7.45 12.46 10.27
N ARG B 384 8.61 11.83 10.26
CA ARG B 384 8.77 10.50 10.78
C ARG B 384 10.13 10.52 11.45
N PRO B 385 10.29 9.75 12.51
CA PRO B 385 11.50 9.75 13.33
C PRO B 385 12.62 8.98 12.66
N VAL B 386 13.84 9.27 13.05
CA VAL B 386 14.98 8.55 12.55
C VAL B 386 15.71 7.84 13.68
N ALA B 387 16.22 6.66 13.39
CA ALA B 387 17.02 6.00 14.38
C ALA B 387 18.41 6.54 14.20
N VAL B 388 18.97 7.14 15.24
CA VAL B 388 20.29 7.72 15.14
C VAL B 388 21.33 6.94 15.91
N TRP B 389 22.11 6.12 15.22
CA TRP B 389 22.98 5.12 15.86
C TRP B 389 24.34 5.72 16.26
N SER B 390 24.62 6.96 15.83
CA SER B 390 25.90 7.61 16.15
C SER B 390 25.72 9.12 16.09
N ASN B 391 26.60 9.82 16.82
CA ASN B 391 26.65 11.28 16.86
C ASN B 391 27.24 11.96 15.64
N ASN B 392 27.80 11.16 14.76
CA ASN B 392 28.37 11.74 13.55
C ASN B 392 27.88 10.99 12.34
N ILE B 393 26.59 10.67 12.28
CA ILE B 393 26.08 10.24 11.01
C ILE B 393 25.96 11.41 10.06
N ARG B 394 26.40 11.20 8.82
CA ARG B 394 26.32 12.24 7.81
C ARG B 394 24.87 12.32 7.30
N THR B 395 24.36 13.51 7.02
CA THR B 395 23.04 13.63 6.42
C THR B 395 23.09 14.58 5.22
N VAL B 396 22.31 14.30 4.18
CA VAL B 396 22.24 15.20 3.04
C VAL B 396 20.95 15.99 3.04
N ILE B 397 21.07 17.29 2.82
CA ILE B 397 19.92 18.18 2.92
C ILE B 397 19.46 18.63 1.54
N SER B 398 18.19 18.41 1.23
CA SER B 398 17.63 18.82 -0.04
C SER B 398 16.43 19.72 0.09
N ARG B 399 16.24 20.59 -0.90
CA ARG B 399 15.10 21.44 -0.90
C ARG B 399 14.37 21.41 -2.24
N GLN B 400 13.04 21.44 -2.16
CA GLN B 400 12.10 21.53 -3.28
C GLN B 400 12.07 22.96 -3.82
N ILE B 401 12.60 23.23 -5.02
CA ILE B 401 12.56 24.60 -5.53
C ILE B 401 11.79 24.68 -6.84
N ALA B 402 11.59 23.54 -7.48
CA ALA B 402 10.91 23.50 -8.75
C ALA B 402 9.99 22.30 -8.70
N GLY B 403 9.35 22.11 -7.53
CA GLY B 403 8.44 21.01 -7.29
C GLY B 403 9.22 19.69 -7.33
N ARG B 404 10.54 19.82 -7.31
CA ARG B 404 11.50 18.74 -7.26
C ARG B 404 12.58 19.00 -6.22
N TRP B 405 12.91 17.95 -5.47
CA TRP B 405 13.98 17.92 -4.47
C TRP B 405 15.39 18.12 -5.03
N ARG B 406 16.13 19.08 -4.49
CA ARG B 406 17.49 19.31 -4.98
C ARG B 406 18.46 19.42 -3.82
N MET B 407 19.62 18.79 -3.91
CA MET B 407 20.62 18.90 -2.86
C MET B 407 21.29 20.27 -2.64
N ILE B 408 21.11 20.85 -1.45
CA ILE B 408 21.69 22.16 -1.18
C ILE B 408 22.83 22.11 -0.17
N GLY B 409 23.03 20.98 0.48
CA GLY B 409 24.14 20.85 1.41
C GLY B 409 24.14 19.54 2.18
N TRP B 410 25.00 19.45 3.19
CA TRP B 410 25.05 18.24 3.99
C TRP B 410 25.31 18.58 5.45
N GLY B 411 25.17 17.59 6.33
CA GLY B 411 25.44 17.85 7.72
C GLY B 411 25.68 16.60 8.54
N LEU B 412 25.91 16.80 9.83
CA LEU B 412 26.04 15.68 10.75
C LEU B 412 24.93 15.75 11.77
N VAL B 413 24.26 14.63 11.95
CA VAL B 413 23.24 14.57 12.94
C VAL B 413 23.91 14.48 14.28
N GLU B 414 23.53 15.41 15.14
CA GLU B 414 24.12 15.58 16.45
C GLU B 414 23.22 15.11 17.56
N ILE B 415 23.67 14.11 18.29
CA ILE B 415 22.95 13.67 19.44
C ILE B 415 23.80 13.76 20.70
#